data_6CP8
#
_entry.id   6CP8
#
_cell.length_a   50.707
_cell.length_b   106.534
_cell.length_c   72.654
_cell.angle_alpha   90.00
_cell.angle_beta   101.01
_cell.angle_gamma   90.00
#
_symmetry.space_group_name_H-M   'P 1 21 1'
#
loop_
_entity.id
_entity.type
_entity.pdbx_description
1 polymer CdiA
2 polymer CdiI
3 non-polymer '4-(2-HYDROXYETHYL)-1-PIPERAZINE ETHANESULFONIC ACID'
4 non-polymer GLYCEROL
5 water water
#
loop_
_entity_poly.entity_id
_entity_poly.type
_entity_poly.pdbx_seq_one_letter_code
_entity_poly.pdbx_strand_id
1 'polypeptide(L)'
;SNSFEVSSLPDANGKNHITAVKGDAKIPVDKIELY(MSE)RGKASGDLDSLQAEYNSLKDARISSQKEFAKDPNNAKR
(MSE)EVLEKQIHNIERSQD(MSE)ARVLEQAGIVNTASNNS(MSE)I(MSE)DKLLDSAQGATSANRKTSVVVSGPNGN
VRIYATWTILPDGTKRLSTVTGTFK
;
A,B
2 'polypeptide(L)'
;SNA(MSE)INVNSTAKDIEGLESYLANGYVEANSFNDPEDDALECLSNLLVKDSRGGLSFCKKILNSNNIDGVFIKGSAL
NFLLLSEQWSYAFEYLTSNADNITLAELEKALFYFYCAKNETDPYPVPEGLFKKL(MSE)KRYEELKNDPDAKFYHLHET
YDDFSKAYPLNN
;
C,D
#
loop_
_chem_comp.id
_chem_comp.type
_chem_comp.name
_chem_comp.formula
EPE non-polymer '4-(2-HYDROXYETHYL)-1-PIPERAZINE ETHANESULFONIC ACID' 'C8 H18 N2 O4 S'
GOL non-polymer GLYCEROL 'C3 H8 O3'
#
# COMPACT_ATOMS: atom_id res chain seq x y z
N ASN A 2 -20.69 -4.82 39.22
CA ASN A 2 -19.66 -4.83 38.19
C ASN A 2 -18.99 -6.19 38.07
N SER A 3 -19.32 -6.90 37.00
CA SER A 3 -18.93 -8.29 36.85
C SER A 3 -18.84 -8.62 35.37
N PHE A 4 -18.21 -9.74 35.05
CA PHE A 4 -18.30 -10.28 33.70
C PHE A 4 -18.97 -11.65 33.74
N GLU A 5 -19.44 -12.12 32.59
CA GLU A 5 -20.12 -13.40 32.52
C GLU A 5 -19.23 -14.39 31.78
N VAL A 6 -19.32 -15.66 32.16
CA VAL A 6 -18.56 -16.73 31.50
C VAL A 6 -19.57 -17.67 30.84
N SER A 7 -19.52 -17.77 29.51
CA SER A 7 -20.38 -18.67 28.76
C SER A 7 -19.55 -19.36 27.69
N SER A 8 -20.22 -20.18 26.87
CA SER A 8 -19.58 -20.90 25.78
C SER A 8 -20.12 -20.39 24.46
N LEU A 9 -19.22 -20.01 23.56
CA LEU A 9 -19.60 -19.49 22.27
C LEU A 9 -18.95 -20.31 21.15
N PRO A 10 -19.67 -20.55 20.06
CA PRO A 10 -19.11 -21.38 18.98
C PRO A 10 -18.28 -20.56 17.98
N ASP A 11 -17.23 -21.21 17.46
CA ASP A 11 -16.39 -20.60 16.44
C ASP A 11 -16.91 -20.96 15.05
N ALA A 12 -16.17 -20.55 14.01
CA ALA A 12 -16.67 -20.72 12.64
C ALA A 12 -16.92 -22.17 12.27
N ASN A 13 -16.30 -23.13 12.96
CA ASN A 13 -16.48 -24.55 12.67
C ASN A 13 -17.46 -25.23 13.62
N GLY A 14 -18.15 -24.48 14.48
CA GLY A 14 -19.11 -25.04 15.41
C GLY A 14 -18.54 -25.49 16.75
N LYS A 15 -17.23 -25.35 16.96
CA LYS A 15 -16.61 -25.75 18.22
C LYS A 15 -16.83 -24.67 19.29
N ASN A 16 -17.26 -25.09 20.47
CA ASN A 16 -17.53 -24.15 21.55
C ASN A 16 -16.24 -23.80 22.30
N HIS A 17 -16.16 -22.54 22.73
CA HIS A 17 -15.02 -22.02 23.48
C HIS A 17 -15.55 -21.26 24.68
N ILE A 18 -15.02 -21.54 25.86
CA ILE A 18 -15.39 -20.78 27.03
C ILE A 18 -14.90 -19.35 26.85
N THR A 19 -15.76 -18.37 27.14
CA THR A 19 -15.50 -16.98 26.81
C THR A 19 -16.00 -16.07 27.92
N ALA A 20 -15.17 -15.13 28.34
CA ALA A 20 -15.57 -14.11 29.29
C ALA A 20 -16.15 -12.92 28.54
N VAL A 21 -17.31 -12.46 28.98
CA VAL A 21 -18.04 -11.42 28.27
C VAL A 21 -18.38 -10.27 29.21
N LYS A 22 -18.18 -9.05 28.74
CA LYS A 22 -18.59 -7.87 29.50
C LYS A 22 -18.92 -6.76 28.52
N GLY A 23 -20.10 -6.20 28.65
CA GLY A 23 -20.52 -5.16 27.71
C GLY A 23 -20.42 -5.66 26.28
N ASP A 24 -19.75 -4.88 25.43
CA ASP A 24 -19.61 -5.23 24.02
C ASP A 24 -18.25 -5.88 23.72
N ALA A 25 -17.62 -6.53 24.71
CA ALA A 25 -16.31 -7.15 24.55
C ALA A 25 -16.33 -8.58 25.04
N LYS A 26 -15.36 -9.36 24.54
CA LYS A 26 -15.28 -10.81 24.71
C LYS A 26 -13.81 -11.24 24.79
N ILE A 27 -13.50 -12.15 25.71
CA ILE A 27 -12.17 -12.77 25.75
C ILE A 27 -12.31 -14.29 25.87
N PRO A 28 -11.99 -15.05 24.82
CA PRO A 28 -11.86 -16.51 24.98
C PRO A 28 -10.86 -16.81 26.10
N VAL A 29 -11.29 -17.58 27.10
CA VAL A 29 -10.47 -17.66 28.31
C VAL A 29 -9.13 -18.31 28.01
N ASP A 30 -9.05 -19.15 26.98
CA ASP A 30 -7.79 -19.75 26.56
C ASP A 30 -6.72 -18.69 26.24
N LYS A 31 -7.12 -17.46 25.88
CA LYS A 31 -6.12 -16.44 25.57
C LYS A 31 -5.18 -16.20 26.74
N ILE A 32 -5.64 -16.44 27.97
CA ILE A 32 -4.79 -16.21 29.13
C ILE A 32 -3.55 -17.11 29.08
N GLU A 33 -3.76 -18.41 28.81
CA GLU A 33 -2.62 -19.31 28.65
C GLU A 33 -1.81 -18.96 27.42
N LEU A 34 -2.49 -18.76 26.29
CA LEU A 34 -1.80 -18.59 25.02
C LEU A 34 -0.88 -17.38 25.05
N TYR A 35 -1.37 -16.26 25.56
CA TYR A 35 -0.65 -15.01 25.42
C TYR A 35 -0.01 -14.47 26.70
N MSE A 36 -0.54 -14.83 27.87
CA MSE A 36 -0.06 -14.18 29.08
C MSE A 36 0.77 -15.05 30.03
O MSE A 36 1.53 -14.52 30.85
CB MSE A 36 -1.26 -13.62 29.84
CG MSE A 36 -2.01 -12.61 29.01
SE MSE A 36 -3.32 -11.57 30.00
CE MSE A 36 -4.75 -12.87 30.24
N ARG A 37 0.65 -16.38 29.91
CA ARG A 37 1.25 -17.28 30.88
C ARG A 37 2.23 -18.25 30.24
N GLY A 38 2.71 -17.98 29.03
CA GLY A 38 3.80 -18.76 28.48
C GLY A 38 3.44 -20.16 28.06
N LYS A 39 2.16 -20.43 27.82
CA LYS A 39 1.72 -21.73 27.33
C LYS A 39 1.22 -21.64 25.89
N ALA A 40 1.83 -20.75 25.11
CA ALA A 40 1.52 -20.66 23.69
C ALA A 40 1.73 -22.02 23.02
N SER A 41 1.05 -22.21 21.89
CA SER A 41 0.95 -23.52 21.27
C SER A 41 2.28 -23.94 20.63
N GLY A 42 2.55 -25.24 20.65
CA GLY A 42 3.73 -25.80 20.02
C GLY A 42 4.85 -26.08 20.99
N ASP A 43 5.81 -26.89 20.55
CA ASP A 43 6.99 -27.23 21.33
C ASP A 43 8.16 -26.37 20.87
N LEU A 44 8.63 -25.49 21.76
CA LEU A 44 9.62 -24.49 21.36
C LEU A 44 10.91 -25.13 20.85
N ASP A 45 11.41 -26.15 21.55
CA ASP A 45 12.72 -26.69 21.19
C ASP A 45 12.71 -27.32 19.81
N SER A 46 11.69 -28.12 19.49
CA SER A 46 11.67 -28.73 18.16
C SER A 46 11.36 -27.70 17.08
N LEU A 47 10.51 -26.73 17.39
CA LEU A 47 10.24 -25.67 16.42
C LEU A 47 11.53 -24.93 16.07
N GLN A 48 12.30 -24.55 17.09
CA GLN A 48 13.52 -23.80 16.86
C GLN A 48 14.54 -24.63 16.08
N ALA A 49 14.57 -25.95 16.32
CA ALA A 49 15.51 -26.78 15.58
C ALA A 49 15.17 -26.82 14.10
N GLU A 50 13.89 -26.90 13.76
CA GLU A 50 13.50 -26.93 12.35
C GLU A 50 13.72 -25.56 11.69
N TYR A 51 13.40 -24.49 12.41
CA TYR A 51 13.62 -23.15 11.87
C TYR A 51 15.11 -22.89 11.62
N ASN A 52 15.97 -23.30 12.55
CA ASN A 52 17.41 -23.09 12.42
C ASN A 52 17.97 -23.78 11.18
N SER A 53 17.51 -24.99 10.87
CA SER A 53 18.07 -25.66 9.71
C SER A 53 17.65 -24.96 8.43
N LEU A 54 16.45 -24.40 8.40
CA LEU A 54 16.01 -23.61 7.24
C LEU A 54 16.78 -22.28 7.16
N LYS A 55 16.86 -21.56 8.28
CA LYS A 55 17.62 -20.32 8.31
C LYS A 55 19.06 -20.54 7.85
N ASP A 56 19.69 -21.62 8.31
CA ASP A 56 21.06 -21.85 7.89
C ASP A 56 21.15 -22.23 6.41
N ALA A 57 20.15 -22.94 5.89
CA ALA A 57 20.16 -23.21 4.46
C ALA A 57 20.06 -21.92 3.66
N ARG A 58 19.16 -21.01 4.08
CA ARG A 58 18.97 -19.75 3.36
C ARG A 58 20.19 -18.84 3.44
N ILE A 59 20.81 -18.74 4.62
CA ILE A 59 22.00 -17.91 4.79
C ILE A 59 23.11 -18.35 3.85
N SER A 60 23.31 -19.65 3.73
CA SER A 60 24.40 -20.10 2.88
C SER A 60 24.06 -20.10 1.39
N SER A 61 22.77 -20.20 1.00
CA SER A 61 22.45 -20.34 -0.44
C SER A 61 21.09 -19.72 -0.73
N GLN A 62 20.99 -18.40 -0.60
CA GLN A 62 19.68 -17.75 -0.59
C GLN A 62 18.96 -17.91 -1.93
N LYS A 63 19.68 -17.69 -3.04
CA LYS A 63 19.06 -17.83 -4.35
C LYS A 63 18.44 -19.21 -4.50
N GLU A 64 19.18 -20.25 -4.13
CA GLU A 64 18.67 -21.61 -4.30
C GLU A 64 17.52 -21.88 -3.35
N PHE A 65 17.62 -21.38 -2.13
CA PHE A 65 16.52 -21.48 -1.17
C PHE A 65 15.27 -20.77 -1.69
N ALA A 66 15.46 -19.62 -2.33
CA ALA A 66 14.34 -18.81 -2.78
C ALA A 66 13.55 -19.48 -3.91
N LYS A 67 14.18 -20.39 -4.66
CA LYS A 67 13.56 -20.92 -5.87
C LYS A 67 12.30 -21.70 -5.56
N ASP A 68 12.28 -22.43 -4.44
CA ASP A 68 11.12 -23.23 -4.03
C ASP A 68 10.39 -22.50 -2.92
N PRO A 69 9.27 -21.84 -3.20
CA PRO A 69 8.62 -21.03 -2.19
C PRO A 69 8.14 -21.82 -0.99
N ASN A 70 8.06 -23.15 -1.08
CA ASN A 70 7.75 -23.96 0.08
C ASN A 70 8.77 -23.75 1.19
N ASN A 71 10.02 -23.41 0.85
CA ASN A 71 11.02 -23.08 1.85
C ASN A 71 10.61 -21.82 2.60
N ALA A 72 10.43 -20.72 1.89
CA ALA A 72 9.98 -19.48 2.52
C ALA A 72 8.71 -19.71 3.34
N LYS A 73 7.76 -20.47 2.80
CA LYS A 73 6.50 -20.69 3.50
C LYS A 73 6.72 -21.35 4.86
N ARG A 74 7.47 -22.46 4.88
N ARG A 74 7.48 -22.45 4.89
CA ARG A 74 7.69 -23.18 6.14
CA ARG A 74 7.67 -23.17 6.14
C ARG A 74 8.44 -22.29 7.13
C ARG A 74 8.47 -22.34 7.14
N MSE A 75 9.54 -21.69 6.69
CA MSE A 75 10.38 -20.90 7.56
C MSE A 75 9.60 -19.75 8.22
O MSE A 75 9.71 -19.52 9.42
CB MSE A 75 11.58 -20.35 6.78
CG MSE A 75 12.55 -19.56 7.64
SE MSE A 75 14.24 -19.06 6.79
CE MSE A 75 14.84 -17.74 8.09
N GLU A 76 8.79 -19.05 7.42
CA GLU A 76 8.01 -17.94 7.94
C GLU A 76 6.93 -18.40 8.91
N VAL A 77 6.26 -19.51 8.62
CA VAL A 77 5.26 -20.05 9.54
C VAL A 77 5.91 -20.44 10.87
N LEU A 78 7.04 -21.16 10.79
CA LEU A 78 7.77 -21.51 12.01
C LEU A 78 8.21 -20.26 12.76
N GLU A 79 8.65 -19.23 12.03
CA GLU A 79 9.13 -18.02 12.67
C GLU A 79 8.03 -17.34 13.48
N LYS A 80 6.79 -17.34 12.96
CA LYS A 80 5.68 -16.73 13.68
C LYS A 80 5.30 -17.55 14.92
N GLN A 81 5.38 -18.87 14.84
CA GLN A 81 5.08 -19.67 16.01
C GLN A 81 6.07 -19.42 17.14
N ILE A 82 7.36 -19.41 16.80
CA ILE A 82 8.40 -19.13 17.79
C ILE A 82 8.19 -17.72 18.36
N HIS A 83 7.94 -16.76 17.48
CA HIS A 83 7.67 -15.38 17.85
C HIS A 83 6.49 -15.29 18.82
N ASN A 84 5.42 -16.04 18.56
CA ASN A 84 4.28 -16.03 19.49
C ASN A 84 4.64 -16.66 20.84
N ILE A 85 5.47 -17.71 20.83
CA ILE A 85 5.88 -18.33 22.09
C ILE A 85 6.76 -17.38 22.90
N GLU A 86 7.71 -16.71 22.25
CA GLU A 86 8.62 -15.84 22.97
C GLU A 86 7.88 -14.64 23.55
N ARG A 87 6.90 -14.10 22.82
CA ARG A 87 6.11 -13.01 23.39
C ARG A 87 5.32 -13.49 24.60
N SER A 88 4.77 -14.71 24.53
CA SER A 88 3.95 -15.22 25.63
C SER A 88 4.80 -15.55 26.86
N GLN A 89 5.98 -16.16 26.66
CA GLN A 89 6.87 -16.40 27.78
C GLN A 89 7.37 -15.09 28.37
N ASP A 90 7.57 -14.07 27.52
CA ASP A 90 7.99 -12.78 28.06
C ASP A 90 6.91 -12.17 28.92
N MSE A 91 5.65 -12.22 28.46
CA MSE A 91 4.50 -11.78 29.26
C MSE A 91 4.43 -12.52 30.61
O MSE A 91 4.18 -11.89 31.63
CB MSE A 91 3.20 -11.97 28.48
CG MSE A 91 1.97 -11.28 29.05
SE MSE A 91 1.90 -9.30 28.94
CE MSE A 91 2.67 -8.93 30.70
N ALA A 92 4.63 -13.83 30.59
CA ALA A 92 4.62 -14.59 31.83
C ALA A 92 5.74 -14.14 32.76
N ARG A 93 6.91 -13.91 32.19
CA ARG A 93 8.04 -13.37 32.96
C ARG A 93 7.68 -12.02 33.55
N VAL A 94 7.02 -11.15 32.76
CA VAL A 94 6.69 -9.82 33.26
C VAL A 94 5.72 -9.90 34.43
N LEU A 95 4.66 -10.71 34.30
CA LEU A 95 3.70 -10.81 35.39
C LEU A 95 4.33 -11.42 36.63
N GLU A 96 5.20 -12.41 36.45
CA GLU A 96 5.85 -13.05 37.59
C GLU A 96 6.76 -12.05 38.31
N GLN A 97 7.59 -11.33 37.56
CA GLN A 97 8.45 -10.32 38.14
C GLN A 97 7.66 -9.35 39.01
N ALA A 98 6.42 -9.04 38.60
CA ALA A 98 5.58 -8.11 39.34
C ALA A 98 4.81 -8.80 40.46
N GLY A 99 5.00 -10.11 40.64
CA GLY A 99 4.31 -10.83 41.67
C GLY A 99 2.88 -11.19 41.34
N ILE A 100 2.45 -10.95 40.11
CA ILE A 100 1.11 -11.33 39.70
C ILE A 100 1.15 -12.80 39.30
N VAL A 101 1.14 -13.69 40.31
CA VAL A 101 1.21 -15.14 40.10
C VAL A 101 0.02 -15.63 39.30
N ASN A 102 0.10 -16.87 38.82
CA ASN A 102 -0.90 -17.43 37.89
C ASN A 102 -2.01 -18.11 38.69
N THR A 103 -2.95 -17.29 39.18
CA THR A 103 -4.10 -17.79 39.91
C THR A 103 -5.39 -17.37 39.23
N ALA A 104 -6.49 -18.03 39.60
CA ALA A 104 -7.79 -17.70 39.02
C ALA A 104 -8.17 -16.25 39.29
N SER A 105 -7.88 -15.76 40.49
CA SER A 105 -8.29 -14.40 40.83
C SER A 105 -7.48 -13.37 40.04
N ASN A 106 -6.15 -13.55 39.98
CA ASN A 106 -5.32 -12.66 39.17
C ASN A 106 -5.76 -12.67 37.70
N ASN A 107 -6.00 -13.87 37.15
CA ASN A 107 -6.41 -13.94 35.74
C ASN A 107 -7.80 -13.35 35.53
N SER A 108 -8.70 -13.49 36.50
CA SER A 108 -9.98 -12.79 36.43
C SER A 108 -9.79 -11.28 36.48
N MSE A 109 -8.95 -10.80 37.41
CA MSE A 109 -8.61 -9.38 37.47
C MSE A 109 -8.13 -8.83 36.13
O MSE A 109 -8.58 -7.79 35.69
CB MSE A 109 -7.52 -9.13 38.52
CG MSE A 109 -6.79 -7.76 38.33
SE MSE A 109 -5.21 -7.46 39.48
CE MSE A 109 -3.82 -8.07 38.26
N ILE A 110 -7.15 -9.52 35.53
CA ILE A 110 -6.58 -9.07 34.26
C ILE A 110 -7.68 -9.03 33.20
N MSE A 111 -8.47 -10.07 33.11
CA MSE A 111 -9.53 -10.09 32.09
C MSE A 111 -10.57 -8.99 32.29
O MSE A 111 -10.97 -8.32 31.32
CB MSE A 111 -10.20 -11.44 32.05
CG MSE A 111 -9.30 -12.49 31.50
SE MSE A 111 -10.34 -13.93 30.73
CE MSE A 111 -11.10 -14.60 32.41
N ASP A 112 -11.01 -8.80 33.53
CA ASP A 112 -11.97 -7.73 33.80
C ASP A 112 -11.42 -6.39 33.33
N LYS A 113 -10.17 -6.07 33.69
CA LYS A 113 -9.60 -4.81 33.26
C LYS A 113 -9.46 -4.76 31.73
N LEU A 114 -9.05 -5.87 31.11
CA LEU A 114 -9.00 -5.88 29.64
C LEU A 114 -10.36 -5.56 29.06
N LEU A 115 -11.40 -6.25 29.53
CA LEU A 115 -12.76 -6.03 29.03
C LEU A 115 -13.20 -4.57 29.22
N ASP A 116 -12.87 -3.98 30.36
CA ASP A 116 -13.21 -2.57 30.55
C ASP A 116 -12.54 -1.72 29.49
N SER A 117 -11.25 -1.96 29.22
CA SER A 117 -10.54 -1.11 28.27
C SER A 117 -11.09 -1.23 26.85
N ALA A 118 -11.79 -2.32 26.53
CA ALA A 118 -12.27 -2.54 25.18
C ALA A 118 -13.62 -1.88 24.89
N GLN A 119 -14.28 -1.31 25.90
CA GLN A 119 -15.69 -0.93 25.73
C GLN A 119 -15.85 0.13 24.66
N GLY A 120 -14.90 1.04 24.53
CA GLY A 120 -15.05 2.08 23.53
C GLY A 120 -14.80 1.58 22.11
N ALA A 121 -13.78 0.74 21.98
CA ALA A 121 -13.11 0.43 20.72
C ALA A 121 -14.01 0.43 19.50
N THR A 122 -13.61 1.19 18.49
CA THR A 122 -14.18 1.15 17.15
C THR A 122 -13.12 0.64 16.18
N SER A 123 -13.56 0.50 14.92
CA SER A 123 -12.63 0.19 13.84
C SER A 123 -11.57 1.27 13.68
N ALA A 124 -11.81 2.47 14.22
CA ALA A 124 -10.81 3.53 14.15
C ALA A 124 -9.61 3.25 15.06
N ASN A 125 -9.79 2.47 16.11
CA ASN A 125 -8.66 2.13 16.98
C ASN A 125 -8.97 0.80 17.67
N ARG A 126 -8.24 -0.24 17.29
CA ARG A 126 -8.49 -1.58 17.79
C ARG A 126 -7.49 -2.00 18.87
N LYS A 127 -6.79 -1.05 19.50
CA LYS A 127 -5.73 -1.35 20.46
C LYS A 127 -6.02 -0.63 21.77
N THR A 128 -5.90 -1.36 22.88
CA THR A 128 -6.03 -0.77 24.20
C THR A 128 -4.86 -1.20 25.08
N SER A 129 -4.78 -0.63 26.27
CA SER A 129 -3.78 -1.04 27.23
C SER A 129 -4.28 -0.71 28.63
N VAL A 130 -3.85 -1.50 29.61
CA VAL A 130 -4.26 -1.30 31.00
C VAL A 130 -3.05 -1.50 31.89
N VAL A 131 -3.15 -0.95 33.09
CA VAL A 131 -2.16 -1.16 34.14
C VAL A 131 -2.75 -2.16 35.12
N VAL A 132 -2.02 -3.24 35.36
CA VAL A 132 -2.40 -4.20 36.38
C VAL A 132 -1.42 -4.08 37.54
N SER A 133 -1.89 -4.39 38.74
CA SER A 133 -1.15 -4.14 39.95
C SER A 133 -0.73 -5.45 40.59
N GLY A 134 0.50 -5.51 41.12
CA GLY A 134 0.95 -6.67 41.85
C GLY A 134 1.73 -6.34 43.12
N PRO A 135 2.11 -7.39 43.86
CA PRO A 135 2.94 -7.20 45.05
C PRO A 135 4.30 -6.56 44.76
N ASN A 136 4.82 -6.69 43.55
CA ASN A 136 6.09 -6.09 43.18
C ASN A 136 5.91 -5.04 42.09
N GLY A 137 4.84 -4.25 42.19
CA GLY A 137 4.66 -3.08 41.34
C GLY A 137 3.67 -3.28 40.22
N ASN A 138 3.54 -2.23 39.42
CA ASN A 138 2.56 -2.17 38.36
C ASN A 138 3.22 -2.49 37.02
N VAL A 139 2.42 -2.98 36.08
CA VAL A 139 2.86 -3.19 34.71
C VAL A 139 1.72 -2.85 33.77
N ARG A 140 2.06 -2.18 32.67
CA ARG A 140 1.18 -1.96 31.56
C ARG A 140 1.21 -3.17 30.63
N ILE A 141 0.04 -3.58 30.15
CA ILE A 141 -0.06 -4.65 29.17
C ILE A 141 -0.92 -4.16 28.01
N TYR A 142 -0.69 -4.74 26.83
CA TYR A 142 -1.25 -4.22 25.60
C TYR A 142 -2.08 -5.30 24.93
N ALA A 143 -3.27 -4.93 24.51
CA ALA A 143 -4.19 -5.83 23.86
C ALA A 143 -4.56 -5.26 22.49
N THR A 144 -4.78 -6.17 21.54
CA THR A 144 -5.39 -5.82 20.26
C THR A 144 -6.71 -6.58 20.11
N TRP A 145 -7.68 -5.95 19.44
CA TRP A 145 -9.04 -6.46 19.37
C TRP A 145 -9.50 -6.58 17.92
N THR A 146 -10.36 -7.57 17.66
CA THR A 146 -11.10 -7.74 16.41
C THR A 146 -12.47 -7.11 16.57
N ILE A 147 -12.86 -6.26 15.62
CA ILE A 147 -14.21 -5.70 15.59
C ILE A 147 -15.08 -6.65 14.78
N LEU A 148 -16.17 -7.12 15.36
CA LEU A 148 -17.00 -8.09 14.67
C LEU A 148 -18.08 -7.37 13.86
N PRO A 149 -18.75 -8.08 12.92
CA PRO A 149 -19.79 -7.40 12.15
C PRO A 149 -20.85 -6.74 13.01
N ASP A 150 -21.13 -7.26 14.21
CA ASP A 150 -22.11 -6.59 15.05
C ASP A 150 -21.49 -5.51 15.92
N GLY A 151 -20.23 -5.15 15.67
CA GLY A 151 -19.61 -4.07 16.41
C GLY A 151 -18.99 -4.46 17.74
N THR A 152 -19.22 -5.69 18.22
CA THR A 152 -18.57 -6.13 19.45
C THR A 152 -17.08 -6.46 19.19
N LYS A 153 -16.33 -6.64 20.27
CA LYS A 153 -14.88 -6.83 20.23
C LYS A 153 -14.50 -8.21 20.75
N ARG A 154 -13.57 -8.87 20.07
CA ARG A 154 -12.99 -10.12 20.57
C ARG A 154 -11.50 -9.93 20.69
N LEU A 155 -10.95 -10.22 21.87
CA LEU A 155 -9.52 -10.11 22.09
C LEU A 155 -8.76 -10.99 21.10
N SER A 156 -7.79 -10.40 20.41
CA SER A 156 -6.87 -11.08 19.51
C SER A 156 -5.61 -11.53 20.23
N THR A 157 -4.89 -10.56 20.83
CA THR A 157 -3.59 -10.78 21.44
C THR A 157 -3.44 -9.92 22.69
N VAL A 158 -2.56 -10.37 23.59
CA VAL A 158 -2.05 -9.57 24.70
C VAL A 158 -0.53 -9.68 24.66
N THR A 159 0.16 -8.55 24.74
CA THR A 159 1.61 -8.54 24.74
C THR A 159 2.14 -7.62 25.83
N GLY A 160 3.38 -7.89 26.22
CA GLY A 160 4.06 -7.04 27.18
C GLY A 160 4.58 -5.74 26.63
N THR A 161 4.64 -5.60 25.29
CA THR A 161 5.15 -4.39 24.65
C THR A 161 4.19 -3.94 23.56
N PHE A 162 4.18 -2.63 23.30
CA PHE A 162 3.25 -2.08 22.31
C PHE A 162 3.77 -2.34 20.90
N LYS A 163 2.89 -2.83 20.04
CA LYS A 163 3.20 -2.98 18.62
C LYS A 163 1.97 -2.60 17.79
N ASN B 2 17.78 23.91 11.80
CA ASN B 2 17.15 23.19 10.70
C ASN B 2 15.93 23.94 10.21
N SER B 3 15.92 24.28 8.93
CA SER B 3 14.92 25.21 8.42
C SER B 3 14.88 25.12 6.90
N PHE B 4 13.92 25.83 6.31
CA PHE B 4 13.89 25.95 4.86
C PHE B 4 13.69 27.41 4.47
N GLU B 5 14.06 27.72 3.24
CA GLU B 5 13.98 29.06 2.70
C GLU B 5 12.76 29.19 1.81
N VAL B 6 12.14 30.36 1.85
CA VAL B 6 11.02 30.70 0.97
C VAL B 6 11.46 31.85 0.08
N SER B 7 11.49 31.61 -1.22
CA SER B 7 11.83 32.69 -2.15
C SER B 7 10.95 32.60 -3.39
N SER B 8 11.14 33.58 -4.27
CA SER B 8 10.39 33.69 -5.51
C SER B 8 11.28 33.20 -6.65
N LEU B 9 10.83 32.17 -7.36
CA LEU B 9 11.62 31.52 -8.39
C LEU B 9 10.84 31.49 -9.70
N PRO B 10 11.52 31.63 -10.84
CA PRO B 10 10.82 31.62 -12.12
C PRO B 10 10.64 30.24 -12.72
N ASP B 11 9.50 30.02 -13.36
CA ASP B 11 9.28 28.83 -14.15
C ASP B 11 9.85 29.03 -15.56
N ALA B 12 9.64 28.03 -16.42
CA ALA B 12 10.18 28.11 -17.77
C ALA B 12 9.54 29.22 -18.60
N ASN B 13 8.34 29.67 -18.24
CA ASN B 13 7.69 30.79 -18.92
C ASN B 13 8.10 32.14 -18.36
N GLY B 14 8.98 32.19 -17.37
CA GLY B 14 9.32 33.44 -16.71
C GLY B 14 8.38 33.86 -15.60
N LYS B 15 7.30 33.12 -15.37
CA LYS B 15 6.38 33.42 -14.29
C LYS B 15 7.01 33.03 -12.96
N ASN B 16 6.92 33.93 -11.98
CA ASN B 16 7.50 33.70 -10.66
C ASN B 16 6.54 32.94 -9.76
N HIS B 17 7.09 32.03 -8.97
CA HIS B 17 6.32 31.21 -8.05
C HIS B 17 7.01 31.22 -6.70
N ILE B 18 6.26 31.54 -5.64
CA ILE B 18 6.85 31.47 -4.32
C ILE B 18 7.10 30.02 -3.96
N THR B 19 8.32 29.71 -3.54
CA THR B 19 8.81 28.33 -3.48
C THR B 19 9.54 28.10 -2.16
N ALA B 20 9.36 26.91 -1.58
CA ALA B 20 10.13 26.50 -0.42
C ALA B 20 11.34 25.71 -0.89
N VAL B 21 12.50 26.01 -0.31
CA VAL B 21 13.76 25.41 -0.74
C VAL B 21 14.51 24.90 0.49
N LYS B 22 15.06 23.70 0.36
CA LYS B 22 15.86 23.08 1.40
C LYS B 22 16.76 22.06 0.72
N GLY B 23 18.07 22.29 0.77
CA GLY B 23 19.00 21.39 0.11
C GLY B 23 18.71 21.28 -1.37
N ASP B 24 18.57 20.05 -1.85
CA ASP B 24 18.34 19.78 -3.27
C ASP B 24 16.91 19.95 -3.70
N ALA B 25 15.99 20.26 -2.80
CA ALA B 25 14.57 20.14 -3.08
C ALA B 25 13.91 21.51 -3.14
N LYS B 26 12.94 21.65 -4.04
CA LYS B 26 12.17 22.86 -4.22
C LYS B 26 10.70 22.50 -4.36
N ILE B 27 9.83 23.23 -3.67
CA ILE B 27 8.39 22.98 -3.73
C ILE B 27 7.65 24.32 -3.79
N PRO B 28 6.99 24.62 -4.91
CA PRO B 28 6.10 25.79 -4.92
C PRO B 28 5.08 25.69 -3.79
N VAL B 29 4.98 26.75 -2.98
CA VAL B 29 4.28 26.61 -1.70
C VAL B 29 2.78 26.41 -1.88
N ASP B 30 2.21 26.82 -3.02
CA ASP B 30 0.79 26.56 -3.24
C ASP B 30 0.46 25.10 -3.50
N LYS B 31 1.47 24.25 -3.77
CA LYS B 31 1.20 22.84 -4.01
C LYS B 31 0.57 22.15 -2.79
N ILE B 32 0.82 22.66 -1.58
CA ILE B 32 0.29 22.01 -0.39
C ILE B 32 -1.23 22.07 -0.39
N GLU B 33 -1.81 23.26 -0.59
CA GLU B 33 -3.25 23.35 -0.60
C GLU B 33 -3.83 22.75 -1.87
N LEU B 34 -3.13 22.90 -2.99
CA LEU B 34 -3.59 22.34 -4.26
C LEU B 34 -3.76 20.83 -4.16
N TYR B 35 -2.75 20.15 -3.63
CA TYR B 35 -2.74 18.69 -3.60
C TYR B 35 -3.30 18.11 -2.30
N MSE B 36 -3.28 18.85 -1.20
CA MSE B 36 -3.62 18.21 0.08
C MSE B 36 -4.75 18.83 0.88
O MSE B 36 -5.19 18.23 1.85
CB MSE B 36 -2.38 18.15 0.97
CG MSE B 36 -1.19 17.48 0.30
SE MSE B 36 0.39 17.65 1.39
CE MSE B 36 -0.18 16.48 2.86
N ARG B 37 -5.23 20.02 0.52
CA ARG B 37 -6.26 20.66 1.32
C ARG B 37 -7.53 20.98 0.52
N GLY B 38 -7.73 20.30 -0.60
CA GLY B 38 -8.96 20.49 -1.36
C GLY B 38 -9.13 21.86 -1.97
N LYS B 39 -8.04 22.55 -2.30
CA LYS B 39 -8.11 23.85 -2.93
C LYS B 39 -7.68 23.77 -4.40
N ALA B 40 -7.85 22.61 -5.03
CA ALA B 40 -7.38 22.42 -6.39
C ALA B 40 -8.12 23.36 -7.36
N SER B 41 -7.57 23.45 -8.58
CA SER B 41 -7.85 24.54 -9.51
C SER B 41 -9.16 24.33 -10.25
N GLY B 42 -9.90 25.42 -10.42
CA GLY B 42 -11.12 25.41 -11.21
C GLY B 42 -12.36 25.27 -10.34
N ASP B 43 -13.50 25.53 -10.98
CA ASP B 43 -14.79 25.29 -10.35
C ASP B 43 -15.20 23.86 -10.67
N LEU B 44 -15.28 23.02 -9.62
CA LEU B 44 -15.62 21.62 -9.82
C LEU B 44 -16.95 21.47 -10.55
N ASP B 45 -17.91 22.34 -10.25
CA ASP B 45 -19.24 22.19 -10.85
C ASP B 45 -19.22 22.54 -12.34
N SER B 46 -18.60 23.65 -12.70
CA SER B 46 -18.52 23.98 -14.13
C SER B 46 -17.65 22.98 -14.88
N LEU B 47 -16.57 22.50 -14.25
CA LEU B 47 -15.78 21.43 -14.86
C LEU B 47 -16.64 20.18 -15.05
N GLN B 48 -17.41 19.81 -14.03
CA GLN B 48 -18.24 18.61 -14.11
C GLN B 48 -19.30 18.73 -15.19
N ALA B 49 -19.94 19.90 -15.29
CA ALA B 49 -21.00 20.08 -16.28
C ALA B 49 -20.47 19.87 -17.69
N GLU B 50 -19.32 20.47 -18.00
CA GLU B 50 -18.75 20.32 -19.34
C GLU B 50 -18.36 18.88 -19.60
N TYR B 51 -17.71 18.25 -18.61
CA TYR B 51 -17.32 16.85 -18.76
C TYR B 51 -18.55 15.96 -19.00
N ASN B 52 -19.57 16.10 -18.15
CA ASN B 52 -20.78 15.29 -18.31
C ASN B 52 -21.40 15.49 -19.68
N SER B 53 -21.41 16.73 -20.15
CA SER B 53 -21.91 17.01 -21.50
C SER B 53 -21.15 16.17 -22.53
N LEU B 54 -19.82 16.22 -22.49
CA LEU B 54 -19.02 15.46 -23.46
C LEU B 54 -19.19 13.97 -23.26
N LYS B 55 -19.18 13.52 -22.00
CA LYS B 55 -19.39 12.11 -21.70
C LYS B 55 -20.70 11.61 -22.27
N ASP B 56 -21.76 12.43 -22.17
CA ASP B 56 -23.06 11.97 -22.66
C ASP B 56 -23.08 11.88 -24.18
N ALA B 57 -22.36 12.77 -24.86
CA ALA B 57 -22.19 12.63 -26.30
C ALA B 57 -21.51 11.31 -26.67
N ARG B 58 -20.41 10.97 -25.97
CA ARG B 58 -19.69 9.75 -26.31
C ARG B 58 -20.53 8.52 -26.04
N ILE B 59 -21.33 8.56 -24.97
CA ILE B 59 -22.18 7.41 -24.66
C ILE B 59 -23.16 7.15 -25.81
N SER B 60 -23.83 8.21 -26.29
CA SER B 60 -24.87 7.99 -27.28
C SER B 60 -24.30 7.63 -28.65
N SER B 61 -23.11 8.14 -29.02
CA SER B 61 -22.58 7.85 -30.35
C SER B 61 -21.04 7.88 -30.33
N GLN B 62 -20.45 6.79 -29.82
CA GLN B 62 -19.00 6.75 -29.60
C GLN B 62 -18.22 6.86 -30.90
N LYS B 63 -18.64 6.15 -31.95
CA LYS B 63 -17.88 6.17 -33.19
C LYS B 63 -17.88 7.55 -33.82
N GLU B 64 -19.02 8.25 -33.77
CA GLU B 64 -19.06 9.62 -34.27
C GLU B 64 -18.23 10.55 -33.41
N PHE B 65 -18.41 10.48 -32.09
CA PHE B 65 -17.57 11.21 -31.14
C PHE B 65 -16.10 11.07 -31.52
N ALA B 66 -15.67 9.83 -31.83
CA ALA B 66 -14.26 9.56 -32.03
C ALA B 66 -13.69 10.30 -33.22
N LYS B 67 -14.54 10.67 -34.19
CA LYS B 67 -13.99 11.15 -35.45
C LYS B 67 -13.23 12.46 -35.25
N ASP B 68 -13.77 13.37 -34.45
CA ASP B 68 -13.07 14.61 -34.11
C ASP B 68 -12.19 14.34 -32.92
N PRO B 69 -10.86 14.32 -33.08
CA PRO B 69 -9.99 13.99 -31.93
C PRO B 69 -10.00 15.05 -30.85
N ASN B 70 -10.50 16.25 -31.15
CA ASN B 70 -10.62 17.27 -30.11
C ASN B 70 -11.64 16.89 -29.05
N ASN B 71 -12.60 16.05 -29.40
CA ASN B 71 -13.57 15.60 -28.41
C ASN B 71 -12.89 14.83 -27.29
N ALA B 72 -12.07 13.84 -27.65
CA ALA B 72 -11.38 13.06 -26.62
C ALA B 72 -10.32 13.89 -25.91
N LYS B 73 -9.64 14.79 -26.64
CA LYS B 73 -8.66 15.65 -25.98
C LYS B 73 -9.33 16.49 -24.90
N ARG B 74 -10.44 17.14 -25.24
CA ARG B 74 -11.12 17.97 -24.24
C ARG B 74 -11.65 17.15 -23.08
N MSE B 75 -12.18 15.95 -23.36
CA MSE B 75 -12.83 15.19 -22.31
C MSE B 75 -11.80 14.61 -21.33
O MSE B 75 -12.02 14.59 -20.12
CB MSE B 75 -13.69 14.07 -22.91
CG MSE B 75 -14.47 13.31 -21.87
SE MSE B 75 -15.75 12.06 -22.64
CE MSE B 75 -15.82 10.79 -21.15
N GLU B 76 -10.66 14.15 -21.87
CA GLU B 76 -9.60 13.59 -21.01
C GLU B 76 -8.96 14.66 -20.14
N VAL B 77 -8.82 15.88 -20.68
CA VAL B 77 -8.24 16.97 -19.89
C VAL B 77 -9.18 17.35 -18.76
N LEU B 78 -10.47 17.49 -19.06
CA LEU B 78 -11.45 17.70 -18.01
C LEU B 78 -11.41 16.57 -16.97
N GLU B 79 -11.32 15.32 -17.44
CA GLU B 79 -11.30 14.21 -16.50
C GLU B 79 -10.14 14.32 -15.53
N LYS B 80 -8.96 14.70 -16.02
CA LYS B 80 -7.79 14.72 -15.15
C LYS B 80 -7.87 15.88 -14.15
N GLN B 81 -8.43 17.03 -14.55
CA GLN B 81 -8.66 18.12 -13.61
C GLN B 81 -9.63 17.71 -12.50
N ILE B 82 -10.74 17.08 -12.89
CA ILE B 82 -11.68 16.59 -11.89
C ILE B 82 -11.00 15.55 -11.01
N HIS B 83 -10.19 14.69 -11.62
CA HIS B 83 -9.44 13.69 -10.88
C HIS B 83 -8.55 14.35 -9.82
N ASN B 84 -7.81 15.41 -10.20
CA ASN B 84 -6.94 16.10 -9.24
C ASN B 84 -7.74 16.72 -8.11
N ILE B 85 -8.84 17.40 -8.44
CA ILE B 85 -9.68 18.04 -7.42
C ILE B 85 -10.19 17.00 -6.44
N GLU B 86 -10.66 15.86 -6.95
CA GLU B 86 -11.20 14.86 -6.06
C GLU B 86 -10.10 14.25 -5.19
N ARG B 87 -8.93 13.94 -5.76
CA ARG B 87 -7.84 13.43 -4.94
C ARG B 87 -7.49 14.43 -3.82
N SER B 88 -7.49 15.73 -4.15
CA SER B 88 -7.09 16.73 -3.18
C SER B 88 -8.14 16.89 -2.08
N GLN B 89 -9.42 16.83 -2.43
CA GLN B 89 -10.47 16.91 -1.41
C GLN B 89 -10.42 15.71 -0.49
N ASP B 90 -10.13 14.52 -1.02
CA ASP B 90 -10.04 13.34 -0.18
C ASP B 90 -8.87 13.43 0.80
N MSE B 91 -7.72 13.93 0.33
CA MSE B 91 -6.55 14.09 1.17
C MSE B 91 -6.87 15.08 2.30
O MSE B 91 -6.49 14.87 3.45
CB MSE B 91 -5.35 14.55 0.35
CG MSE B 91 -4.09 14.86 1.16
SE MSE B 91 -3.32 13.32 2.13
CE MSE B 91 -2.61 12.28 0.62
N ALA B 92 -7.62 16.12 1.95
CA ALA B 92 -8.01 17.11 2.95
C ALA B 92 -8.82 16.47 4.08
N ARG B 93 -9.80 15.61 3.73
CA ARG B 93 -10.60 14.94 4.75
C ARG B 93 -9.75 14.02 5.60
N VAL B 94 -8.83 13.29 4.96
CA VAL B 94 -7.93 12.41 5.71
C VAL B 94 -7.13 13.22 6.74
N LEU B 95 -6.56 14.33 6.31
CA LEU B 95 -5.84 15.19 7.25
C LEU B 95 -6.77 15.68 8.35
N GLU B 96 -7.96 16.14 7.98
CA GLU B 96 -8.93 16.58 8.98
C GLU B 96 -9.20 15.48 10.00
N GLN B 97 -9.47 14.26 9.53
CA GLN B 97 -9.81 13.17 10.44
C GLN B 97 -8.65 12.80 11.35
N ALA B 98 -7.41 12.96 10.88
CA ALA B 98 -6.25 12.77 11.74
C ALA B 98 -6.06 13.90 12.73
N GLY B 99 -6.85 14.97 12.62
CA GLY B 99 -6.70 16.11 13.48
C GLY B 99 -5.70 17.14 13.00
N ILE B 100 -5.14 16.97 11.81
CA ILE B 100 -4.12 17.87 11.28
C ILE B 100 -4.87 19.00 10.59
N VAL B 101 -5.22 20.02 11.37
CA VAL B 101 -6.02 21.12 10.84
C VAL B 101 -5.24 21.88 9.78
N ASN B 102 -5.98 22.67 9.01
CA ASN B 102 -5.39 23.42 7.91
C ASN B 102 -4.90 24.76 8.44
N THR B 103 -3.71 24.74 9.02
CA THR B 103 -3.09 25.95 9.55
C THR B 103 -1.74 26.17 8.89
N ALA B 104 -1.30 27.43 8.95
CA ALA B 104 0.02 27.79 8.42
C ALA B 104 1.11 26.94 9.06
N SER B 105 1.05 26.70 10.37
CA SER B 105 2.14 25.95 10.98
C SER B 105 2.05 24.46 10.61
N ASN B 106 0.84 23.88 10.62
CA ASN B 106 0.73 22.51 10.15
C ASN B 106 1.23 22.37 8.72
N ASN B 107 0.86 23.30 7.83
CA ASN B 107 1.29 23.15 6.45
C ASN B 107 2.78 23.38 6.30
N SER B 108 3.38 24.27 7.10
CA SER B 108 4.82 24.43 7.10
C SER B 108 5.52 23.15 7.54
N MSE B 109 5.00 22.52 8.58
CA MSE B 109 5.56 21.28 9.07
C MSE B 109 5.45 20.16 8.01
O MSE B 109 6.38 19.37 7.83
CB MSE B 109 4.87 20.89 10.38
CG MSE B 109 5.26 19.55 10.92
SE MSE B 109 3.78 18.29 10.68
CE MSE B 109 2.55 19.02 12.02
N ILE B 110 4.33 20.12 7.29
CA ILE B 110 4.19 19.16 6.19
C ILE B 110 5.22 19.45 5.10
N MSE B 111 5.36 20.71 4.73
CA MSE B 111 6.38 21.15 3.75
C MSE B 111 7.77 20.68 4.14
O MSE B 111 8.51 20.20 3.28
CB MSE B 111 6.39 22.68 3.64
CG MSE B 111 7.43 23.20 2.68
SE MSE B 111 6.88 22.97 0.79
CE MSE B 111 5.38 24.21 0.88
N ASP B 112 8.12 20.87 5.42
CA ASP B 112 9.46 20.55 5.88
C ASP B 112 9.74 19.07 5.75
N LYS B 113 8.79 18.23 6.19
CA LYS B 113 9.01 16.79 6.11
C LYS B 113 9.08 16.35 4.66
N LEU B 114 8.26 16.92 3.78
CA LEU B 114 8.33 16.62 2.36
C LEU B 114 9.70 16.96 1.78
N LEU B 115 10.18 18.18 2.06
CA LEU B 115 11.50 18.58 1.59
C LEU B 115 12.59 17.63 2.10
N ASP B 116 12.53 17.27 3.39
CA ASP B 116 13.49 16.30 3.92
C ASP B 116 13.45 14.99 3.15
N SER B 117 12.25 14.54 2.76
CA SER B 117 12.14 13.22 2.14
C SER B 117 12.67 13.20 0.70
N ALA B 118 12.69 14.33 0.01
CA ALA B 118 13.25 14.38 -1.33
C ALA B 118 14.73 14.03 -1.39
N GLN B 119 15.46 14.14 -0.27
CA GLN B 119 16.89 13.92 -0.35
C GLN B 119 17.22 12.46 -0.66
N GLY B 120 16.24 11.56 -0.56
CA GLY B 120 16.36 10.16 -0.91
C GLY B 120 15.85 9.78 -2.28
N ALA B 121 15.30 10.72 -3.04
CA ALA B 121 14.88 10.44 -4.40
C ALA B 121 16.05 10.52 -5.37
N THR B 122 16.05 9.63 -6.37
CA THR B 122 17.03 9.65 -7.46
C THR B 122 16.33 9.35 -8.78
N SER B 123 17.10 9.35 -9.88
CA SER B 123 16.53 8.95 -11.16
C SER B 123 16.00 7.52 -11.11
N ALA B 124 16.64 6.66 -10.32
CA ALA B 124 16.20 5.26 -10.25
C ALA B 124 14.90 5.11 -9.49
N ASN B 125 14.59 6.03 -8.58
CA ASN B 125 13.37 5.90 -7.79
C ASN B 125 12.95 7.29 -7.34
N ARG B 126 11.83 7.78 -7.88
CA ARG B 126 11.41 9.15 -7.66
C ARG B 126 10.23 9.27 -6.71
N LYS B 127 9.81 8.19 -6.05
CA LYS B 127 8.78 8.29 -5.03
C LYS B 127 9.39 8.15 -3.64
N THR B 128 8.93 9.00 -2.71
CA THR B 128 9.28 8.90 -1.31
C THR B 128 8.02 9.03 -0.49
N SER B 129 8.09 8.54 0.75
CA SER B 129 6.96 8.66 1.66
C SER B 129 7.37 9.38 2.93
N VAL B 130 6.38 10.02 3.55
CA VAL B 130 6.52 10.51 4.91
C VAL B 130 5.24 10.16 5.65
N VAL B 131 5.34 10.15 6.97
CA VAL B 131 4.20 10.03 7.87
C VAL B 131 4.06 11.34 8.62
N VAL B 132 2.91 11.96 8.52
CA VAL B 132 2.59 13.09 9.37
C VAL B 132 1.66 12.57 10.44
N SER B 133 1.80 13.12 11.65
CA SER B 133 1.08 12.65 12.81
C SER B 133 0.09 13.70 13.28
N GLY B 134 -1.03 13.25 13.82
CA GLY B 134 -2.00 14.15 14.38
C GLY B 134 -2.57 13.59 15.66
N PRO B 135 -3.29 14.41 16.41
CA PRO B 135 -3.89 13.93 17.67
C PRO B 135 -4.77 12.70 17.48
N ASN B 136 -5.43 12.54 16.33
CA ASN B 136 -6.33 11.43 16.10
C ASN B 136 -5.72 10.30 15.27
N GLY B 137 -4.51 10.47 14.76
CA GLY B 137 -3.87 9.40 14.02
C GLY B 137 -2.76 9.92 13.13
N ASN B 138 -2.27 9.01 12.30
CA ASN B 138 -1.11 9.25 11.44
C ASN B 138 -1.50 9.02 9.99
N VAL B 139 -0.86 9.74 9.09
CA VAL B 139 -1.17 9.66 7.67
C VAL B 139 0.13 9.46 6.90
N ARG B 140 0.23 8.34 6.19
CA ARG B 140 1.34 8.11 5.27
C ARG B 140 0.97 8.75 3.93
N ILE B 141 1.81 9.68 3.47
CA ILE B 141 1.61 10.31 2.17
C ILE B 141 2.83 9.99 1.30
N TYR B 142 2.61 9.98 -0.01
CA TYR B 142 3.64 9.67 -0.98
C TYR B 142 3.89 10.86 -1.90
N ALA B 143 5.14 11.27 -2.00
CA ALA B 143 5.57 12.36 -2.86
C ALA B 143 6.34 11.79 -4.05
N THR B 144 6.01 12.29 -5.23
CA THR B 144 6.73 11.99 -6.48
C THR B 144 7.51 13.22 -6.92
N TRP B 145 8.78 13.04 -7.25
CA TRP B 145 9.70 14.12 -7.59
C TRP B 145 10.18 13.99 -9.02
N THR B 146 10.51 15.13 -9.64
CA THR B 146 11.28 15.15 -10.87
C THR B 146 12.74 15.46 -10.52
N ILE B 147 13.66 14.84 -11.22
CA ILE B 147 15.09 15.07 -11.00
C ILE B 147 15.59 15.90 -12.16
N LEU B 148 16.06 17.10 -11.87
CA LEU B 148 16.43 18.04 -12.90
C LEU B 148 17.88 17.86 -13.28
N PRO B 149 18.31 18.38 -14.43
CA PRO B 149 19.70 18.14 -14.87
C PRO B 149 20.74 18.67 -13.90
N ASP B 150 20.47 19.75 -13.17
CA ASP B 150 21.43 20.23 -12.19
C ASP B 150 21.42 19.42 -10.89
N GLY B 151 20.67 18.32 -10.86
CA GLY B 151 20.59 17.48 -9.69
C GLY B 151 19.55 17.88 -8.68
N THR B 152 18.90 19.03 -8.84
CA THR B 152 17.85 19.41 -7.91
C THR B 152 16.57 18.62 -8.16
N LYS B 153 15.65 18.70 -7.21
CA LYS B 153 14.46 17.88 -7.23
C LYS B 153 13.24 18.75 -6.99
N ARG B 154 12.20 18.57 -7.79
CA ARG B 154 10.98 19.35 -7.66
C ARG B 154 9.82 18.39 -7.40
N LEU B 155 8.86 18.85 -6.60
CA LEU B 155 7.73 18.01 -6.20
C LEU B 155 6.66 18.00 -7.29
N SER B 156 6.39 16.82 -7.85
CA SER B 156 5.31 16.64 -8.79
C SER B 156 3.96 16.66 -8.10
N THR B 157 3.71 15.66 -7.25
CA THR B 157 2.40 15.37 -6.70
C THR B 157 2.53 14.77 -5.31
N VAL B 158 1.42 14.79 -4.57
CA VAL B 158 1.30 14.11 -3.29
C VAL B 158 -0.02 13.34 -3.28
N THR B 159 0.04 12.05 -2.96
CA THR B 159 -1.13 11.20 -2.85
C THR B 159 -0.91 10.25 -1.67
N GLY B 160 -1.84 9.32 -1.48
CA GLY B 160 -1.65 8.22 -0.55
C GLY B 160 -1.22 6.93 -1.22
N THR B 161 -0.86 6.97 -2.50
CA THR B 161 -0.63 5.78 -3.30
C THR B 161 0.86 5.57 -3.51
N PHE B 162 1.33 4.34 -3.28
CA PHE B 162 2.69 4.03 -3.66
C PHE B 162 2.75 3.64 -5.14
N LYS B 163 2.47 2.38 -5.45
CA LYS B 163 2.75 1.83 -6.77
C LYS B 163 2.31 0.37 -6.85
N VAL C 7 -9.38 -27.89 4.25
CA VAL C 7 -8.23 -27.35 3.51
C VAL C 7 -8.67 -26.46 2.35
N ASN C 8 -8.22 -25.20 2.39
CA ASN C 8 -8.76 -24.15 1.53
C ASN C 8 -8.34 -24.28 0.06
N SER C 9 -9.27 -24.01 -0.84
CA SER C 9 -8.93 -23.71 -2.22
C SER C 9 -8.13 -22.41 -2.30
N THR C 10 -7.59 -22.11 -3.48
CA THR C 10 -6.97 -20.80 -3.65
C THR C 10 -8.01 -19.69 -3.58
N ALA C 11 -9.22 -19.96 -4.06
CA ALA C 11 -10.27 -18.96 -3.96
C ALA C 11 -10.59 -18.62 -2.50
N LYS C 12 -10.63 -19.63 -1.63
CA LYS C 12 -10.97 -19.37 -0.23
C LYS C 12 -9.84 -18.65 0.49
N ASP C 13 -8.58 -18.99 0.17
CA ASP C 13 -7.45 -18.22 0.69
C ASP C 13 -7.52 -16.77 0.24
N ILE C 14 -7.88 -16.54 -1.02
CA ILE C 14 -8.04 -15.17 -1.52
C ILE C 14 -9.17 -14.46 -0.78
N GLU C 15 -10.31 -15.15 -0.62
CA GLU C 15 -11.43 -14.56 0.13
C GLU C 15 -10.99 -14.15 1.54
N GLY C 16 -10.25 -15.03 2.21
CA GLY C 16 -9.81 -14.72 3.55
C GLY C 16 -8.89 -13.52 3.59
N LEU C 17 -8.01 -13.40 2.59
CA LEU C 17 -7.08 -12.28 2.57
C LEU C 17 -7.82 -10.96 2.30
N GLU C 18 -8.78 -10.96 1.37
CA GLU C 18 -9.56 -9.75 1.17
C GLU C 18 -10.37 -9.42 2.42
N SER C 19 -10.85 -10.42 3.16
CA SER C 19 -11.53 -10.15 4.41
C SER C 19 -10.59 -9.53 5.43
N TYR C 20 -9.37 -10.07 5.54
CA TYR C 20 -8.42 -9.50 6.49
C TYR C 20 -8.12 -8.05 6.14
N LEU C 21 -7.93 -7.77 4.84
CA LEU C 21 -7.63 -6.39 4.43
C LEU C 21 -8.80 -5.46 4.70
N ALA C 22 -10.03 -5.95 4.63
CA ALA C 22 -11.18 -5.06 4.76
C ALA C 22 -11.73 -5.02 6.17
N ASN C 23 -11.69 -6.15 6.87
CA ASN C 23 -12.37 -6.26 8.15
C ASN C 23 -11.42 -6.53 9.32
N GLY C 24 -10.16 -6.86 9.07
CA GLY C 24 -9.26 -7.22 10.14
C GLY C 24 -9.37 -8.64 10.62
N TYR C 25 -10.18 -9.49 9.95
CA TYR C 25 -10.25 -10.91 10.28
C TYR C 25 -10.35 -11.73 9.00
N VAL C 26 -9.89 -12.98 9.06
CA VAL C 26 -10.07 -13.89 7.95
C VAL C 26 -11.46 -14.51 8.01
N GLU C 27 -11.90 -14.91 9.20
CA GLU C 27 -13.25 -15.39 9.47
C GLU C 27 -13.76 -14.69 10.71
N ALA C 28 -15.01 -14.22 10.65
CA ALA C 28 -15.57 -13.45 11.76
C ALA C 28 -15.51 -14.24 13.08
N ASN C 29 -15.79 -15.53 13.02
CA ASN C 29 -15.88 -16.34 14.22
C ASN C 29 -14.68 -17.28 14.37
N SER C 30 -13.54 -16.93 13.78
CA SER C 30 -12.28 -17.57 14.14
C SER C 30 -11.79 -16.98 15.44
N PHE C 31 -11.48 -17.82 16.42
CA PHE C 31 -10.98 -17.30 17.68
C PHE C 31 -9.46 -17.18 17.69
N ASN C 32 -8.80 -17.54 16.59
CA ASN C 32 -7.37 -17.31 16.45
C ASN C 32 -7.07 -15.82 16.32
N ASP C 33 -5.83 -15.46 16.56
CA ASP C 33 -5.34 -14.16 16.15
C ASP C 33 -5.51 -14.05 14.64
N PRO C 34 -6.24 -13.06 14.13
CA PRO C 34 -6.45 -12.99 12.67
C PRO C 34 -5.16 -12.80 11.90
N GLU C 35 -4.14 -12.18 12.49
CA GLU C 35 -2.86 -12.10 11.79
C GLU C 35 -2.25 -13.48 11.59
N ASP C 36 -2.42 -14.38 12.56
CA ASP C 36 -1.99 -15.75 12.33
C ASP C 36 -2.80 -16.40 11.22
N ASP C 37 -4.13 -16.20 11.21
CA ASP C 37 -4.94 -16.72 10.11
C ASP C 37 -4.50 -16.14 8.78
N ALA C 38 -4.18 -14.86 8.77
CA ALA C 38 -3.79 -14.21 7.52
C ALA C 38 -2.47 -14.77 7.00
N LEU C 39 -1.53 -15.09 7.91
CA LEU C 39 -0.25 -15.65 7.46
C LEU C 39 -0.45 -17.04 6.88
N GLU C 40 -1.33 -17.84 7.49
CA GLU C 40 -1.62 -19.15 6.93
C GLU C 40 -2.18 -19.00 5.50
N CYS C 41 -3.19 -18.14 5.34
CA CYS C 41 -3.77 -17.86 4.03
C CYS C 41 -2.74 -17.37 3.01
N LEU C 42 -1.92 -16.38 3.41
CA LEU C 42 -0.99 -15.79 2.46
C LEU C 42 0.07 -16.79 2.01
N SER C 43 0.68 -17.50 2.96
CA SER C 43 1.72 -18.45 2.58
C SER C 43 1.13 -19.70 1.92
N ASN C 44 -0.10 -20.08 2.25
CA ASN C 44 -0.71 -21.18 1.52
C ASN C 44 -0.99 -20.78 0.08
N LEU C 45 -1.44 -19.53 -0.12
CA LEU C 45 -1.68 -19.04 -1.47
C LEU C 45 -0.39 -18.99 -2.28
N LEU C 46 0.70 -18.54 -1.65
CA LEU C 46 1.94 -18.28 -2.38
C LEU C 46 2.49 -19.54 -3.05
N VAL C 47 2.41 -20.69 -2.38
CA VAL C 47 2.91 -21.91 -2.98
C VAL C 47 1.94 -22.49 -4.00
N LYS C 48 0.66 -22.10 -3.96
CA LYS C 48 -0.27 -22.62 -4.96
C LYS C 48 -0.42 -21.70 -6.16
N ASP C 49 -0.38 -20.40 -5.94
CA ASP C 49 -0.73 -19.40 -6.98
C ASP C 49 0.23 -18.23 -6.78
N SER C 50 1.41 -18.35 -7.38
CA SER C 50 2.47 -17.39 -7.12
C SER C 50 2.01 -15.97 -7.44
N ARG C 51 1.41 -15.79 -8.62
CA ARG C 51 0.93 -14.47 -9.03
C ARG C 51 -0.03 -13.90 -8.00
N GLY C 52 -1.07 -14.67 -7.65
CA GLY C 52 -2.00 -14.19 -6.63
C GLY C 52 -1.34 -14.01 -5.28
N GLY C 53 -0.46 -14.93 -4.90
CA GLY C 53 0.23 -14.80 -3.63
C GLY C 53 1.04 -13.52 -3.55
N LEU C 54 1.75 -13.18 -4.63
CA LEU C 54 2.59 -11.98 -4.60
C LEU C 54 1.75 -10.72 -4.75
N SER C 55 0.63 -10.81 -5.46
CA SER C 55 -0.30 -9.68 -5.50
C SER C 55 -0.76 -9.29 -4.09
N PHE C 56 -1.15 -10.28 -3.29
CA PHE C 56 -1.63 -9.95 -1.95
C PHE C 56 -0.49 -9.54 -1.02
N CYS C 57 0.73 -9.99 -1.29
CA CYS C 57 1.89 -9.43 -0.60
C CYS C 57 1.95 -7.93 -0.83
N LYS C 58 1.76 -7.51 -2.09
CA LYS C 58 1.80 -6.08 -2.40
C LYS C 58 0.65 -5.35 -1.72
N LYS C 59 -0.56 -5.90 -1.80
CA LYS C 59 -1.70 -5.24 -1.15
C LYS C 59 -1.46 -5.08 0.34
N ILE C 60 -0.85 -6.08 0.96
CA ILE C 60 -0.62 -6.01 2.41
C ILE C 60 0.37 -4.90 2.74
N LEU C 61 1.44 -4.77 1.95
CA LEU C 61 2.42 -3.72 2.21
C LEU C 61 1.82 -2.33 2.02
N ASN C 62 0.91 -2.19 1.06
CA ASN C 62 0.34 -0.88 0.77
C ASN C 62 -0.88 -0.55 1.61
N SER C 63 -1.47 -1.53 2.31
CA SER C 63 -2.63 -1.22 3.11
C SER C 63 -2.27 -0.27 4.24
N ASN C 64 -3.17 0.67 4.51
CA ASN C 64 -3.10 1.55 5.67
C ASN C 64 -4.08 1.15 6.76
N ASN C 65 -4.72 -0.02 6.65
CA ASN C 65 -5.82 -0.41 7.53
C ASN C 65 -5.53 -1.74 8.23
N ILE C 66 -4.27 -2.12 8.36
CA ILE C 66 -3.89 -3.42 8.91
C ILE C 66 -3.21 -3.19 10.25
N ASP C 67 -3.72 -3.82 11.30
CA ASP C 67 -3.08 -3.79 12.60
C ASP C 67 -1.86 -4.70 12.68
N GLY C 68 -1.76 -5.74 11.86
CA GLY C 68 -0.64 -6.65 11.96
C GLY C 68 0.67 -6.01 11.50
N VAL C 69 1.72 -6.23 12.29
CA VAL C 69 3.07 -5.79 11.93
C VAL C 69 3.90 -6.95 11.37
N PHE C 70 3.90 -8.08 12.06
CA PHE C 70 4.64 -9.25 11.57
C PHE C 70 4.29 -9.56 10.11
N ILE C 71 3.01 -9.49 9.75
CA ILE C 71 2.66 -9.91 8.39
C ILE C 71 3.18 -8.95 7.32
N LYS C 72 3.44 -7.67 7.65
CA LYS C 72 4.10 -6.81 6.68
C LYS C 72 5.52 -7.28 6.41
N GLY C 73 6.24 -7.72 7.46
CA GLY C 73 7.51 -8.40 7.25
C GLY C 73 7.36 -9.60 6.33
N SER C 74 6.41 -10.49 6.63
CA SER C 74 6.19 -11.66 5.80
C SER C 74 6.00 -11.28 4.33
N ALA C 75 5.07 -10.35 4.07
CA ALA C 75 4.79 -9.90 2.70
C ALA C 75 6.04 -9.36 2.01
N LEU C 76 6.78 -8.49 2.71
CA LEU C 76 8.05 -8.03 2.18
C LEU C 76 8.99 -9.18 1.89
N ASN C 77 9.05 -10.15 2.81
CA ASN C 77 10.04 -11.22 2.71
C ASN C 77 9.76 -12.11 1.50
N PHE C 78 8.49 -12.47 1.29
CA PHE C 78 8.12 -13.29 0.15
C PHE C 78 8.43 -12.58 -1.16
N LEU C 79 8.22 -11.26 -1.22
CA LEU C 79 8.57 -10.52 -2.42
C LEU C 79 10.07 -10.52 -2.65
N LEU C 80 10.84 -10.27 -1.59
CA LEU C 80 12.30 -10.27 -1.70
C LEU C 80 12.83 -11.57 -2.28
N LEU C 81 12.22 -12.69 -1.89
CA LEU C 81 12.68 -14.00 -2.32
C LEU C 81 11.97 -14.48 -3.60
N SER C 82 11.32 -13.59 -4.34
CA SER C 82 10.56 -13.94 -5.53
C SER C 82 11.17 -13.26 -6.76
N GLU C 83 10.58 -13.56 -7.92
CA GLU C 83 10.95 -12.87 -9.15
C GLU C 83 10.69 -11.36 -9.07
N GLN C 84 9.86 -10.91 -8.13
CA GLN C 84 9.56 -9.48 -8.01
C GLN C 84 10.37 -8.82 -6.91
N TRP C 85 11.62 -9.26 -6.71
CA TRP C 85 12.48 -8.64 -5.71
C TRP C 85 12.64 -7.14 -5.98
N SER C 86 12.65 -6.72 -7.25
CA SER C 86 12.90 -5.31 -7.56
C SER C 86 11.82 -4.40 -6.97
N TYR C 87 10.56 -4.83 -7.04
CA TYR C 87 9.49 -4.10 -6.36
C TYR C 87 9.80 -3.94 -4.89
N ALA C 88 10.36 -4.99 -4.27
CA ALA C 88 10.65 -4.92 -2.84
C ALA C 88 11.84 -4.01 -2.59
N PHE C 89 12.85 -4.03 -3.46
CA PHE C 89 13.95 -3.06 -3.37
C PHE C 89 13.40 -1.63 -3.48
N GLU C 90 12.54 -1.40 -4.49
CA GLU C 90 11.94 -0.08 -4.70
C GLU C 90 11.07 0.33 -3.51
N TYR C 91 10.22 -0.58 -3.02
CA TYR C 91 9.40 -0.28 -1.86
C TYR C 91 10.27 0.12 -0.66
N LEU C 92 11.39 -0.57 -0.45
CA LEU C 92 12.25 -0.26 0.68
C LEU C 92 12.91 1.11 0.52
N THR C 93 13.48 1.38 -0.65
CA THR C 93 14.04 2.70 -0.93
C THR C 93 13.01 3.80 -0.71
N SER C 94 11.80 3.61 -1.21
CA SER C 94 10.79 4.66 -1.14
C SER C 94 10.21 4.84 0.26
N ASN C 95 10.27 3.81 1.10
CA ASN C 95 9.57 3.81 2.39
C ASN C 95 10.49 3.67 3.59
N ALA C 96 11.80 3.52 3.39
CA ALA C 96 12.77 3.32 4.46
C ALA C 96 12.48 4.19 5.68
N ASP C 97 12.16 5.47 5.46
CA ASP C 97 11.89 6.40 6.56
C ASP C 97 10.86 5.87 7.53
N ASN C 98 9.91 5.06 7.05
CA ASN C 98 8.85 4.65 7.98
C ASN C 98 8.49 3.17 7.90
N ILE C 99 9.39 2.30 7.44
CA ILE C 99 9.08 0.89 7.53
C ILE C 99 9.07 0.46 9.00
N THR C 100 8.29 -0.58 9.27
CA THR C 100 8.14 -1.12 10.60
C THR C 100 9.39 -1.90 11.02
N LEU C 101 9.46 -2.17 12.34
CA LEU C 101 10.41 -3.13 12.88
C LEU C 101 10.51 -4.40 12.03
N ALA C 102 9.37 -5.03 11.72
CA ALA C 102 9.39 -6.31 10.99
C ALA C 102 9.99 -6.15 9.61
N GLU C 103 9.62 -5.08 8.90
CA GLU C 103 10.16 -4.86 7.56
C GLU C 103 11.65 -4.58 7.60
N LEU C 104 12.10 -3.78 8.58
CA LEU C 104 13.51 -3.46 8.67
C LEU C 104 14.33 -4.72 8.90
N GLU C 105 13.85 -5.61 9.77
CA GLU C 105 14.61 -6.83 10.07
C GLU C 105 14.69 -7.75 8.87
N LYS C 106 13.57 -7.95 8.16
CA LYS C 106 13.63 -8.73 6.93
C LYS C 106 14.62 -8.11 5.95
N ALA C 107 14.56 -6.79 5.77
CA ALA C 107 15.47 -6.16 4.80
C ALA C 107 16.92 -6.40 5.21
N LEU C 108 17.25 -6.13 6.47
CA LEU C 108 18.61 -6.31 6.94
C LEU C 108 19.05 -7.77 6.82
N PHE C 109 18.16 -8.70 7.16
CA PHE C 109 18.52 -10.12 7.04
C PHE C 109 18.72 -10.53 5.59
N TYR C 110 17.83 -10.07 4.69
CA TYR C 110 17.95 -10.46 3.28
C TYR C 110 19.34 -10.14 2.75
N PHE C 111 19.83 -8.92 3.03
CA PHE C 111 21.09 -8.51 2.45
C PHE C 111 22.27 -9.23 3.12
N TYR C 112 22.19 -9.46 4.43
CA TYR C 112 23.13 -10.35 5.12
C TYR C 112 23.28 -11.67 4.38
N CYS C 113 22.15 -12.31 4.04
CA CYS C 113 22.19 -13.53 3.26
C CYS C 113 22.73 -13.29 1.86
N ALA C 114 22.32 -12.19 1.22
CA ALA C 114 22.71 -11.93 -0.16
C ALA C 114 24.22 -11.90 -0.34
N LYS C 115 24.94 -11.50 0.71
CA LYS C 115 26.40 -11.45 0.70
C LYS C 115 27.03 -12.76 0.25
N ASN C 116 26.37 -13.88 0.50
CA ASN C 116 26.91 -15.16 0.10
C ASN C 116 26.53 -15.57 -1.33
N GLU C 117 25.70 -14.79 -2.04
CA GLU C 117 25.30 -15.16 -3.40
C GLU C 117 26.44 -14.87 -4.37
N THR C 118 26.55 -15.72 -5.41
CA THR C 118 27.65 -15.50 -6.36
C THR C 118 27.40 -14.24 -7.20
N ASP C 119 26.15 -13.91 -7.48
CA ASP C 119 25.81 -12.71 -8.25
C ASP C 119 24.63 -12.04 -7.58
N PRO C 120 24.87 -11.30 -6.51
CA PRO C 120 23.74 -10.67 -5.80
C PRO C 120 23.10 -9.60 -6.66
N TYR C 121 21.82 -9.33 -6.40
CA TYR C 121 21.10 -8.34 -7.18
C TYR C 121 21.71 -6.97 -6.92
N PRO C 122 21.67 -6.07 -7.91
CA PRO C 122 22.21 -4.72 -7.69
C PRO C 122 21.39 -4.02 -6.62
N VAL C 123 22.08 -3.36 -5.70
CA VAL C 123 21.44 -2.69 -4.57
C VAL C 123 21.21 -1.23 -4.95
N PRO C 124 20.00 -0.71 -4.77
CA PRO C 124 19.74 0.68 -5.18
C PRO C 124 20.59 1.65 -4.37
N GLU C 125 20.95 2.75 -5.02
CA GLU C 125 21.79 3.77 -4.42
C GLU C 125 21.20 4.27 -3.11
N GLY C 126 22.03 4.23 -2.06
CA GLY C 126 21.64 4.80 -0.78
C GLY C 126 20.76 3.93 0.10
N LEU C 127 20.41 2.71 -0.33
CA LEU C 127 19.46 1.92 0.44
C LEU C 127 20.08 1.47 1.76
N PHE C 128 21.32 0.98 1.73
CA PHE C 128 21.95 0.54 2.96
C PHE C 128 22.05 1.69 3.96
N LYS C 129 22.45 2.87 3.51
CA LYS C 129 22.46 4.03 4.41
C LYS C 129 21.08 4.31 4.98
N LYS C 130 20.05 4.27 4.14
CA LYS C 130 18.69 4.45 4.64
C LYS C 130 18.34 3.40 5.69
N LEU C 131 18.63 2.13 5.40
CA LEU C 131 18.28 1.06 6.34
C LEU C 131 18.97 1.27 7.69
N MSE C 132 20.27 1.55 7.67
CA MSE C 132 21.00 1.83 8.90
C MSE C 132 20.38 3.00 9.67
O MSE C 132 20.18 2.89 10.89
CB MSE C 132 22.46 2.13 8.58
CG MSE C 132 23.22 0.97 7.96
SE MSE C 132 24.96 1.56 7.28
CE MSE C 132 25.83 1.96 9.00
N LYS C 133 20.06 4.10 8.99
CA LYS C 133 19.41 5.23 9.66
C LYS C 133 18.11 4.79 10.34
N ARG C 134 17.29 4.04 9.62
CA ARG C 134 16.03 3.58 10.19
C ARG C 134 16.26 2.69 11.39
N TYR C 135 17.35 1.90 11.39
CA TYR C 135 17.68 1.07 12.54
C TYR C 135 18.00 1.92 13.76
N GLU C 136 18.73 3.01 13.56
CA GLU C 136 19.03 3.92 14.65
C GLU C 136 17.75 4.55 15.19
N GLU C 137 16.73 4.73 14.33
CA GLU C 137 15.48 5.29 14.82
C GLU C 137 14.67 4.28 15.63
N LEU C 138 14.76 3.00 15.29
CA LEU C 138 13.92 1.98 15.90
C LEU C 138 14.62 1.08 16.89
N LYS C 139 15.95 1.21 17.06
CA LYS C 139 16.66 0.19 17.82
C LYS C 139 16.31 0.21 19.30
N ASN C 140 15.84 1.32 19.83
CA ASN C 140 15.45 1.37 21.23
C ASN C 140 13.99 1.04 21.46
N ASP C 141 13.26 0.69 20.42
CA ASP C 141 11.86 0.32 20.61
C ASP C 141 11.83 -0.95 21.43
N PRO C 142 11.18 -0.97 22.59
CA PRO C 142 11.17 -2.17 23.43
C PRO C 142 10.59 -3.39 22.73
N ASP C 143 9.91 -3.22 21.62
CA ASP C 143 9.42 -4.38 20.88
C ASP C 143 10.50 -4.97 19.97
N ALA C 144 11.61 -4.25 19.76
CA ALA C 144 12.61 -4.66 18.78
C ALA C 144 13.12 -6.07 19.04
N LYS C 145 13.29 -6.43 20.31
CA LYS C 145 13.90 -7.71 20.65
C LYS C 145 13.06 -8.89 20.17
N PHE C 146 11.77 -8.71 19.99
CA PHE C 146 11.00 -9.85 19.53
C PHE C 146 11.25 -10.16 18.06
N TYR C 147 11.92 -9.27 17.35
CA TYR C 147 12.36 -9.53 15.97
C TYR C 147 13.87 -9.78 15.90
N HIS C 148 14.55 -9.86 17.03
CA HIS C 148 16.01 -10.00 17.09
C HIS C 148 16.69 -8.98 16.19
N LEU C 149 16.16 -7.76 16.20
CA LEU C 149 16.66 -6.69 15.35
C LEU C 149 18.14 -6.44 15.59
N HIS C 150 18.54 -6.34 16.87
CA HIS C 150 19.94 -6.04 17.20
C HIS C 150 20.87 -7.12 16.67
N GLU C 151 20.51 -8.40 16.86
CA GLU C 151 21.34 -9.46 16.32
C GLU C 151 21.37 -9.41 14.79
N THR C 152 20.23 -9.16 14.16
CA THR C 152 20.23 -9.08 12.71
C THR C 152 21.02 -7.89 12.22
N TYR C 153 20.95 -6.76 12.95
CA TYR C 153 21.78 -5.63 12.57
C TYR C 153 23.27 -5.98 12.63
N ASP C 154 23.70 -6.69 13.68
CA ASP C 154 25.11 -7.05 13.79
C ASP C 154 25.54 -7.95 12.65
N ASP C 155 24.69 -8.92 12.28
CA ASP C 155 25.02 -9.80 11.16
C ASP C 155 25.18 -9.01 9.89
N PHE C 156 24.27 -8.05 9.66
CA PHE C 156 24.33 -7.19 8.48
C PHE C 156 25.59 -6.35 8.48
N SER C 157 25.84 -5.63 9.57
CA SER C 157 27.01 -4.76 9.63
C SER C 157 28.30 -5.56 9.53
N LYS C 158 28.35 -6.76 10.13
CA LYS C 158 29.55 -7.59 10.03
C LYS C 158 29.75 -8.09 8.61
N ALA C 159 28.66 -8.27 7.85
CA ALA C 159 28.76 -8.62 6.44
C ALA C 159 29.16 -7.45 5.55
N TYR C 160 28.97 -6.22 6.00
CA TYR C 160 29.31 -5.05 5.18
C TYR C 160 30.13 -4.07 6.02
N PRO C 161 31.36 -4.46 6.39
CA PRO C 161 32.11 -3.69 7.40
C PRO C 161 32.72 -2.40 6.86
N LEU C 162 33.27 -2.45 5.63
CA LEU C 162 33.76 -1.22 5.00
C LEU C 162 32.64 -0.21 4.86
N ASN C 163 31.40 -0.68 4.80
CA ASN C 163 30.22 0.14 4.67
C ASN C 163 29.78 0.75 6.00
N ASN C 164 30.26 0.21 7.13
CA ASN C 164 29.89 0.69 8.47
C ASN C 164 30.22 2.16 8.70
N ASN D 8 2.60 23.65 -30.34
CA ASN D 8 2.16 24.58 -31.38
C ASN D 8 2.63 24.12 -32.77
N SER D 9 3.70 23.33 -32.78
CA SER D 9 4.07 22.50 -33.91
C SER D 9 4.30 21.10 -33.36
N THR D 10 4.28 20.12 -34.26
CA THR D 10 4.45 18.74 -33.77
C THR D 10 5.84 18.51 -33.22
N ALA D 11 6.84 19.23 -33.74
CA ALA D 11 8.20 19.11 -33.20
C ALA D 11 8.22 19.34 -31.71
N LYS D 12 7.51 20.36 -31.25
CA LYS D 12 7.50 20.71 -29.83
C LYS D 12 6.88 19.59 -29.00
N ASP D 13 5.67 19.15 -29.37
CA ASP D 13 4.99 18.12 -28.60
C ASP D 13 5.80 16.83 -28.57
N ILE D 14 6.47 16.50 -29.68
CA ILE D 14 7.28 15.29 -29.73
C ILE D 14 8.48 15.41 -28.80
N GLU D 15 9.20 16.54 -28.86
CA GLU D 15 10.27 16.79 -27.90
C GLU D 15 9.76 16.64 -26.47
N GLY D 16 8.61 17.25 -26.17
CA GLY D 16 8.08 17.19 -24.81
C GLY D 16 7.77 15.78 -24.38
N LEU D 17 7.12 15.01 -25.27
CA LEU D 17 6.83 13.62 -24.96
C LEU D 17 8.11 12.80 -24.86
N GLU D 18 9.08 13.04 -25.75
CA GLU D 18 10.36 12.35 -25.61
C GLU D 18 11.02 12.67 -24.28
N SER D 19 10.97 13.94 -23.86
CA SER D 19 11.57 14.32 -22.58
C SER D 19 10.80 13.73 -21.41
N TYR D 20 9.49 13.58 -21.53
CA TYR D 20 8.73 12.93 -20.47
C TYR D 20 9.15 11.48 -20.31
N LEU D 21 9.28 10.76 -21.43
CA LEU D 21 9.66 9.35 -21.37
C LEU D 21 11.08 9.18 -20.86
N ALA D 22 12.01 9.99 -21.35
CA ALA D 22 13.39 9.87 -20.91
C ALA D 22 13.57 10.41 -19.49
N ASN D 23 13.14 11.65 -19.25
CA ASN D 23 13.52 12.40 -18.05
C ASN D 23 12.42 12.54 -17.02
N GLY D 24 11.19 12.15 -17.32
CA GLY D 24 10.11 12.28 -16.35
C GLY D 24 9.48 13.66 -16.28
N TYR D 25 9.87 14.59 -17.17
CA TYR D 25 9.25 15.90 -17.26
C TYR D 25 9.15 16.33 -18.72
N VAL D 26 8.17 17.19 -19.00
CA VAL D 26 8.09 17.81 -20.31
C VAL D 26 9.06 18.99 -20.40
N GLU D 27 8.95 19.91 -19.45
CA GLU D 27 9.81 21.08 -19.34
C GLU D 27 10.51 21.03 -17.99
N ALA D 28 11.84 21.17 -18.01
CA ALA D 28 12.59 21.07 -16.76
C ALA D 28 12.09 22.08 -15.73
N ASN D 29 11.86 23.32 -16.15
CA ASN D 29 11.43 24.38 -15.24
C ASN D 29 9.92 24.58 -15.22
N SER D 30 9.14 23.62 -15.70
CA SER D 30 7.70 23.66 -15.46
C SER D 30 7.42 23.35 -14.00
N PHE D 31 6.59 24.17 -13.37
CA PHE D 31 6.16 23.84 -12.02
C PHE D 31 4.85 23.05 -12.01
N ASN D 32 4.31 22.68 -13.18
CA ASN D 32 3.18 21.76 -13.22
C ASN D 32 3.63 20.33 -13.00
N ASP D 33 2.71 19.51 -12.48
CA ASP D 33 2.87 18.06 -12.48
C ASP D 33 3.21 17.61 -13.90
N PRO D 34 4.35 16.94 -14.12
CA PRO D 34 4.74 16.63 -15.50
C PRO D 34 3.74 15.73 -16.17
N GLU D 35 3.02 14.91 -15.39
CA GLU D 35 2.01 14.06 -15.99
C GLU D 35 0.91 14.90 -16.64
N ASP D 36 0.59 16.07 -16.04
CA ASP D 36 -0.41 16.96 -16.64
C ASP D 36 0.11 17.59 -17.92
N ASP D 37 1.36 18.07 -17.92
CA ASP D 37 1.94 18.56 -19.18
C ASP D 37 2.06 17.47 -20.23
N ALA D 38 2.34 16.23 -19.82
CA ALA D 38 2.48 15.15 -20.79
C ALA D 38 1.13 14.83 -21.43
N LEU D 39 0.06 14.77 -20.62
CA LEU D 39 -1.27 14.56 -21.17
C LEU D 39 -1.63 15.65 -22.17
N GLU D 40 -1.26 16.89 -21.86
CA GLU D 40 -1.49 17.99 -22.78
C GLU D 40 -0.76 17.77 -24.09
N CYS D 41 0.55 17.49 -24.03
CA CYS D 41 1.34 17.23 -25.23
C CYS D 41 0.77 16.08 -26.04
N LEU D 42 0.50 14.97 -25.37
CA LEU D 42 -0.02 13.78 -26.03
C LEU D 42 -1.31 14.09 -26.76
N SER D 43 -2.30 14.62 -26.04
CA SER D 43 -3.57 14.91 -26.68
C SER D 43 -3.44 16.03 -27.71
N ASN D 44 -2.51 16.97 -27.53
CA ASN D 44 -2.29 17.98 -28.56
C ASN D 44 -1.71 17.36 -29.83
N LEU D 45 -0.71 16.48 -29.66
CA LEU D 45 -0.09 15.82 -30.81
C LEU D 45 -1.12 15.03 -31.60
N LEU D 46 -2.08 14.42 -30.90
CA LEU D 46 -3.07 13.60 -31.58
C LEU D 46 -3.95 14.41 -32.52
N VAL D 47 -4.27 15.65 -32.17
CA VAL D 47 -5.11 16.45 -33.05
C VAL D 47 -4.34 16.79 -34.34
N LYS D 48 -3.06 17.16 -34.21
CA LYS D 48 -2.29 17.63 -35.36
C LYS D 48 -1.75 16.50 -36.21
N ASP D 49 -1.51 15.33 -35.62
CA ASP D 49 -0.81 14.26 -36.31
C ASP D 49 -1.15 12.95 -35.58
N SER D 50 -2.18 12.27 -36.06
CA SER D 50 -2.64 11.08 -35.38
C SER D 50 -1.56 10.01 -35.33
N ARG D 51 -0.83 9.82 -36.43
CA ARG D 51 0.14 8.74 -36.50
C ARG D 51 1.25 8.89 -35.46
N GLY D 52 1.85 10.08 -35.40
CA GLY D 52 2.84 10.32 -34.36
C GLY D 52 2.25 10.24 -32.97
N GLY D 53 1.04 10.77 -32.80
CA GLY D 53 0.41 10.76 -31.49
C GLY D 53 0.12 9.35 -31.01
N LEU D 54 -0.35 8.48 -31.92
CA LEU D 54 -0.65 7.10 -31.53
C LEU D 54 0.62 6.30 -31.25
N SER D 55 1.69 6.58 -31.99
CA SER D 55 2.98 5.99 -31.66
C SER D 55 3.38 6.29 -30.22
N PHE D 56 3.15 7.53 -29.76
CA PHE D 56 3.48 7.86 -28.38
C PHE D 56 2.48 7.29 -27.39
N CYS D 57 1.24 7.09 -27.82
CA CYS D 57 0.32 6.34 -26.98
C CYS D 57 0.89 4.96 -26.67
N LYS D 58 1.42 4.30 -27.71
CA LYS D 58 1.99 2.98 -27.49
C LYS D 58 3.24 3.04 -26.63
N LYS D 59 4.10 4.04 -26.87
CA LYS D 59 5.30 4.13 -26.06
C LYS D 59 4.95 4.35 -24.60
N ILE D 60 4.00 5.26 -24.32
CA ILE D 60 3.57 5.52 -22.96
C ILE D 60 2.96 4.27 -22.35
N LEU D 61 2.15 3.56 -23.13
CA LEU D 61 1.48 2.37 -22.62
C LEU D 61 2.47 1.30 -22.20
N ASN D 62 3.56 1.13 -22.95
CA ASN D 62 4.53 0.08 -22.70
C ASN D 62 5.75 0.53 -21.92
N SER D 63 5.79 1.77 -21.45
CA SER D 63 6.96 2.22 -20.70
C SER D 63 6.92 1.65 -19.29
N ASN D 64 8.08 1.20 -18.81
CA ASN D 64 8.27 0.92 -17.41
C ASN D 64 9.18 1.96 -16.76
N ASN D 65 9.25 3.16 -17.35
CA ASN D 65 10.15 4.23 -16.89
C ASN D 65 9.37 5.51 -16.58
N ILE D 66 8.07 5.43 -16.37
CA ILE D 66 7.31 6.62 -16.06
C ILE D 66 6.53 6.42 -14.76
N ASP D 67 6.42 7.49 -13.98
CA ASP D 67 5.66 7.45 -12.75
C ASP D 67 4.16 7.62 -12.97
N GLY D 68 3.74 8.25 -14.06
CA GLY D 68 2.33 8.50 -14.25
C GLY D 68 1.53 7.21 -14.37
N VAL D 69 0.37 7.19 -13.72
CA VAL D 69 -0.61 6.10 -13.86
C VAL D 69 -1.78 6.53 -14.73
N PHE D 70 -2.39 7.68 -14.42
CA PHE D 70 -3.50 8.22 -15.21
C PHE D 70 -3.17 8.26 -16.70
N ILE D 71 -1.97 8.73 -17.06
CA ILE D 71 -1.68 8.92 -18.48
C ILE D 71 -1.66 7.60 -19.25
N LYS D 72 -1.36 6.48 -18.58
CA LYS D 72 -1.46 5.19 -19.27
C LYS D 72 -2.91 4.89 -19.64
N GLY D 73 -3.84 5.19 -18.73
CA GLY D 73 -5.25 5.12 -19.08
C GLY D 73 -5.58 6.02 -20.25
N SER D 74 -5.02 7.23 -20.26
CA SER D 74 -5.26 8.14 -21.36
C SER D 74 -4.75 7.56 -22.68
N ALA D 75 -3.53 6.99 -22.65
CA ALA D 75 -2.94 6.48 -23.88
C ALA D 75 -3.79 5.35 -24.46
N LEU D 76 -4.27 4.46 -23.59
CA LEU D 76 -5.14 3.37 -24.01
C LEU D 76 -6.43 3.90 -24.61
N ASN D 77 -7.05 4.84 -23.91
CA ASN D 77 -8.33 5.41 -24.33
C ASN D 77 -8.22 6.03 -25.71
N PHE D 78 -7.18 6.84 -25.94
CA PHE D 78 -6.97 7.40 -27.28
C PHE D 78 -6.84 6.32 -28.34
N LEU D 79 -6.13 5.23 -28.02
CA LEU D 79 -5.98 4.15 -28.99
C LEU D 79 -7.30 3.46 -29.24
N LEU D 80 -8.05 3.18 -28.18
CA LEU D 80 -9.37 2.57 -28.32
C LEU D 80 -10.26 3.38 -29.25
N LEU D 81 -10.12 4.70 -29.24
CA LEU D 81 -10.95 5.57 -30.03
C LEU D 81 -10.36 5.87 -31.39
N SER D 82 -9.31 5.17 -31.79
CA SER D 82 -8.56 5.47 -33.00
C SER D 82 -8.72 4.38 -34.04
N GLU D 83 -8.17 4.65 -35.23
CA GLU D 83 -8.03 3.62 -36.26
C GLU D 83 -7.21 2.43 -35.78
N GLN D 84 -6.41 2.59 -34.74
CA GLN D 84 -5.62 1.49 -34.21
C GLN D 84 -6.29 0.83 -33.01
N TRP D 85 -7.62 0.77 -33.01
CA TRP D 85 -8.33 0.16 -31.88
C TRP D 85 -7.85 -1.27 -31.65
N SER D 86 -7.53 -1.98 -32.72
CA SER D 86 -7.20 -3.40 -32.59
C SER D 86 -5.92 -3.60 -31.78
N TYR D 87 -4.95 -2.70 -31.93
CA TYR D 87 -3.79 -2.74 -31.06
C TYR D 87 -4.22 -2.68 -29.61
N ALA D 88 -5.17 -1.80 -29.30
CA ALA D 88 -5.64 -1.65 -27.93
C ALA D 88 -6.36 -2.90 -27.45
N PHE D 89 -7.21 -3.49 -28.31
CA PHE D 89 -7.89 -4.74 -27.95
C PHE D 89 -6.88 -5.85 -27.69
N GLU D 90 -5.86 -5.97 -28.53
CA GLU D 90 -4.87 -7.03 -28.31
C GLU D 90 -4.00 -6.72 -27.10
N TYR D 91 -3.66 -5.44 -26.88
CA TYR D 91 -2.96 -5.10 -25.65
C TYR D 91 -3.74 -5.59 -24.44
N LEU D 92 -5.05 -5.29 -24.40
CA LEU D 92 -5.85 -5.63 -23.23
C LEU D 92 -5.95 -7.14 -23.05
N THR D 93 -6.25 -7.87 -24.12
CA THR D 93 -6.46 -9.29 -23.93
C THR D 93 -5.16 -10.03 -23.60
N SER D 94 -3.99 -9.49 -23.98
CA SER D 94 -2.75 -10.17 -23.60
C SER D 94 -2.10 -9.60 -22.34
N ASN D 95 -2.59 -8.46 -21.81
CA ASN D 95 -2.01 -7.85 -20.62
C ASN D 95 -3.01 -7.65 -19.49
N ALA D 96 -4.21 -8.23 -19.59
CA ALA D 96 -5.27 -7.96 -18.62
C ALA D 96 -4.77 -8.18 -17.20
N ASP D 97 -3.90 -9.18 -17.00
CA ASP D 97 -3.34 -9.47 -15.70
C ASP D 97 -2.64 -8.27 -15.07
N ASN D 98 -2.05 -7.39 -15.88
CA ASN D 98 -1.20 -6.33 -15.37
C ASN D 98 -1.74 -4.94 -15.60
N ILE D 99 -2.93 -4.79 -16.19
CA ILE D 99 -3.40 -3.44 -16.45
C ILE D 99 -3.76 -2.75 -15.15
N THR D 100 -3.51 -1.43 -15.10
CA THR D 100 -3.79 -0.60 -13.95
C THR D 100 -5.29 -0.28 -13.84
N LEU D 101 -5.65 0.23 -12.66
CA LEU D 101 -6.94 0.86 -12.42
C LEU D 101 -7.34 1.78 -13.56
N ALA D 102 -6.45 2.70 -13.96
CA ALA D 102 -6.77 3.63 -15.03
C ALA D 102 -7.10 2.89 -16.33
N GLU D 103 -6.25 1.93 -16.72
CA GLU D 103 -6.51 1.18 -17.95
C GLU D 103 -7.79 0.35 -17.85
N LEU D 104 -8.00 -0.30 -16.71
CA LEU D 104 -9.20 -1.10 -16.54
C LEU D 104 -10.46 -0.25 -16.71
N GLU D 105 -10.48 0.95 -16.12
CA GLU D 105 -11.69 1.77 -16.20
C GLU D 105 -11.95 2.24 -17.63
N LYS D 106 -10.89 2.63 -18.37
CA LYS D 106 -11.06 3.02 -19.77
C LYS D 106 -11.66 1.87 -20.59
N ALA D 107 -11.18 0.65 -20.34
CA ALA D 107 -11.66 -0.49 -21.12
C ALA D 107 -13.12 -0.75 -20.81
N LEU D 108 -13.46 -0.79 -19.52
CA LEU D 108 -14.87 -0.99 -19.14
C LEU D 108 -15.73 0.11 -19.74
N PHE D 109 -15.26 1.35 -19.70
CA PHE D 109 -16.11 2.42 -20.18
C PHE D 109 -16.20 2.41 -21.70
N TYR D 110 -15.11 2.07 -22.40
CA TYR D 110 -15.19 1.97 -23.85
C TYR D 110 -16.28 0.98 -24.25
N PHE D 111 -16.34 -0.17 -23.56
CA PHE D 111 -17.27 -1.20 -23.98
C PHE D 111 -18.68 -0.91 -23.52
N TYR D 112 -18.85 -0.14 -22.45
CA TYR D 112 -20.18 0.34 -22.11
C TYR D 112 -20.74 1.19 -23.23
N CYS D 113 -19.96 2.18 -23.70
CA CYS D 113 -20.40 3.01 -24.81
C CYS D 113 -20.57 2.21 -26.09
N ALA D 114 -19.83 1.12 -26.25
CA ALA D 114 -19.96 0.35 -27.48
C ALA D 114 -21.32 -0.35 -27.58
N LYS D 115 -22.05 -0.50 -26.47
CA LYS D 115 -23.37 -1.13 -26.49
C LYS D 115 -24.32 -0.41 -27.43
N ASN D 116 -24.13 0.89 -27.64
CA ASN D 116 -25.02 1.67 -28.48
C ASN D 116 -24.52 1.79 -29.90
N GLU D 117 -23.37 1.21 -30.24
CA GLU D 117 -22.86 1.38 -31.59
C GLU D 117 -23.67 0.54 -32.57
N THR D 118 -23.95 1.12 -33.74
CA THR D 118 -24.54 0.32 -34.81
C THR D 118 -23.51 -0.53 -35.52
N ASP D 119 -22.22 -0.27 -35.32
CA ASP D 119 -21.16 -1.08 -35.91
C ASP D 119 -20.08 -1.32 -34.86
N PRO D 120 -20.31 -2.26 -33.96
CA PRO D 120 -19.33 -2.52 -32.90
C PRO D 120 -18.17 -3.38 -33.39
N TYR D 121 -16.99 -3.14 -32.81
CA TYR D 121 -15.82 -3.93 -33.15
C TYR D 121 -15.88 -5.31 -32.49
N PRO D 122 -15.37 -6.33 -33.17
CA PRO D 122 -15.31 -7.66 -32.55
C PRO D 122 -14.38 -7.66 -31.34
N VAL D 123 -14.90 -8.13 -30.22
CA VAL D 123 -14.12 -8.25 -28.98
C VAL D 123 -13.33 -9.55 -29.03
N PRO D 124 -12.03 -9.53 -28.75
CA PRO D 124 -11.25 -10.78 -28.74
C PRO D 124 -11.79 -11.76 -27.71
N GLU D 125 -11.58 -13.03 -28.00
CA GLU D 125 -12.19 -14.12 -27.24
C GLU D 125 -11.88 -13.99 -25.75
N GLY D 126 -12.93 -14.04 -24.93
CA GLY D 126 -12.77 -14.09 -23.50
C GLY D 126 -12.30 -12.81 -22.83
N LEU D 127 -12.21 -11.69 -23.55
CA LEU D 127 -11.69 -10.47 -22.93
C LEU D 127 -12.63 -9.94 -21.85
N PHE D 128 -13.95 -10.03 -22.05
CA PHE D 128 -14.86 -9.50 -21.03
C PHE D 128 -14.68 -10.22 -19.71
N LYS D 129 -14.53 -11.55 -19.75
CA LYS D 129 -14.22 -12.30 -18.53
C LYS D 129 -12.88 -11.87 -17.94
N LYS D 130 -11.90 -11.56 -18.78
CA LYS D 130 -10.62 -11.08 -18.24
C LYS D 130 -10.79 -9.74 -17.55
N LEU D 131 -11.58 -8.84 -18.15
CA LEU D 131 -11.82 -7.53 -17.53
C LEU D 131 -12.58 -7.68 -16.20
N MSE D 132 -13.56 -8.58 -16.16
CA MSE D 132 -14.28 -8.84 -14.93
C MSE D 132 -13.34 -9.39 -13.89
O MSE D 132 -13.40 -9.01 -12.72
CB MSE D 132 -15.43 -9.81 -15.19
CG MSE D 132 -16.42 -9.29 -16.21
SE MSE D 132 -17.51 -10.72 -16.88
CE MSE D 132 -18.49 -11.21 -15.25
N LYS D 133 -12.45 -10.29 -14.32
CA LYS D 133 -11.48 -10.86 -13.40
C LYS D 133 -10.62 -9.76 -12.79
N ARG D 134 -10.04 -8.93 -13.65
CA ARG D 134 -9.16 -7.87 -13.18
C ARG D 134 -9.93 -6.89 -12.29
N TYR D 135 -11.21 -6.66 -12.59
CA TYR D 135 -12.03 -5.81 -11.73
C TYR D 135 -12.16 -6.39 -10.33
N GLU D 136 -12.43 -7.69 -10.23
CA GLU D 136 -12.51 -8.29 -8.91
C GLU D 136 -11.21 -8.12 -8.13
N GLU D 137 -10.06 -8.07 -8.83
CA GLU D 137 -8.77 -7.96 -8.15
C GLU D 137 -8.50 -6.55 -7.66
N LEU D 138 -9.00 -5.54 -8.34
CA LEU D 138 -8.67 -4.15 -8.10
C LEU D 138 -9.79 -3.35 -7.45
N LYS D 139 -11.01 -3.89 -7.41
CA LYS D 139 -12.15 -3.11 -6.95
C LYS D 139 -12.01 -2.67 -5.50
N ASN D 140 -11.14 -3.31 -4.72
CA ASN D 140 -10.90 -2.89 -3.34
C ASN D 140 -9.70 -1.97 -3.20
N ASP D 141 -9.05 -1.58 -4.29
CA ASP D 141 -7.94 -0.66 -4.20
C ASP D 141 -8.43 0.68 -3.65
N PRO D 142 -7.70 1.29 -2.70
CA PRO D 142 -8.14 2.59 -2.17
C PRO D 142 -8.35 3.66 -3.24
N ASP D 143 -7.61 3.59 -4.35
CA ASP D 143 -7.73 4.54 -5.43
C ASP D 143 -8.87 4.25 -6.40
N ALA D 144 -9.58 3.14 -6.24
CA ALA D 144 -10.65 2.80 -7.18
C ALA D 144 -11.68 3.92 -7.29
N LYS D 145 -12.00 4.57 -6.17
CA LYS D 145 -13.03 5.61 -6.21
C LYS D 145 -12.61 6.82 -7.05
N PHE D 146 -11.31 7.06 -7.20
CA PHE D 146 -10.91 8.21 -7.99
C PHE D 146 -11.12 7.97 -9.47
N TYR D 147 -11.23 6.71 -9.88
CA TYR D 147 -11.53 6.37 -11.25
C TYR D 147 -12.99 6.00 -11.46
N HIS D 148 -13.82 6.13 -10.41
CA HIS D 148 -15.23 5.78 -10.50
C HIS D 148 -15.43 4.38 -11.07
N LEU D 149 -14.56 3.47 -10.62
CA LEU D 149 -14.52 2.10 -11.15
C LEU D 149 -15.82 1.36 -10.88
N HIS D 150 -16.34 1.46 -9.66
CA HIS D 150 -17.56 0.72 -9.32
C HIS D 150 -18.71 1.15 -10.23
N GLU D 151 -18.89 2.46 -10.41
CA GLU D 151 -19.96 2.93 -11.27
C GLU D 151 -19.74 2.49 -12.72
N THR D 152 -18.51 2.60 -13.22
CA THR D 152 -18.27 2.21 -14.60
C THR D 152 -18.49 0.72 -14.79
N TYR D 153 -17.98 -0.09 -13.86
CA TYR D 153 -18.23 -1.53 -13.93
C TYR D 153 -19.73 -1.80 -13.93
N ASP D 154 -20.48 -1.01 -13.18
CA ASP D 154 -21.90 -1.27 -13.05
C ASP D 154 -22.61 -1.00 -14.37
N ASP D 155 -22.32 0.14 -15.01
CA ASP D 155 -22.86 0.41 -16.33
C ASP D 155 -22.45 -0.68 -17.33
N PHE D 156 -21.18 -1.10 -17.28
CA PHE D 156 -20.72 -2.14 -18.20
C PHE D 156 -21.46 -3.44 -17.98
N SER D 157 -21.62 -3.85 -16.72
CA SER D 157 -22.33 -5.10 -16.45
C SER D 157 -23.80 -5.03 -16.88
N LYS D 158 -24.42 -3.86 -16.79
CA LYS D 158 -25.81 -3.77 -17.20
C LYS D 158 -25.95 -3.80 -18.71
N ALA D 159 -24.85 -3.55 -19.44
CA ALA D 159 -24.86 -3.42 -20.90
C ALA D 159 -24.77 -4.75 -21.66
N TYR D 160 -24.38 -5.84 -21.02
CA TYR D 160 -24.23 -7.10 -21.73
C TYR D 160 -24.75 -8.23 -20.87
N PRO D 161 -25.16 -9.36 -21.49
CA PRO D 161 -25.59 -10.55 -20.74
C PRO D 161 -24.41 -11.39 -20.28
N LEU D 162 -23.64 -10.82 -19.33
CA LEU D 162 -22.36 -11.41 -18.92
C LEU D 162 -22.49 -12.81 -18.35
N ASN D 163 -23.68 -13.22 -17.90
CA ASN D 163 -23.83 -14.57 -17.36
C ASN D 163 -24.96 -15.36 -18.01
N ASN D 164 -25.63 -14.81 -19.01
CA ASN D 164 -26.64 -15.51 -19.83
C ASN D 164 -27.02 -14.62 -21.02
N1 EPE E . -8.59 -19.34 36.00
C2 EPE E . -8.92 -20.69 35.55
C3 EPE E . -7.85 -21.64 36.02
N4 EPE E . -6.53 -21.26 35.59
C5 EPE E . -6.18 -19.90 35.92
C6 EPE E . -7.28 -18.95 35.48
C7 EPE E . -5.51 -22.30 35.67
C8 EPE E . -4.16 -21.95 35.07
O8 EPE E . -3.17 -22.15 36.05
C9 EPE E . -9.61 -18.46 35.43
C10 EPE E . -10.88 -18.54 36.24
S EPE E . -12.29 -17.95 35.26
O1S EPE E . -13.51 -18.65 35.68
O2S EPE E . -12.02 -18.22 33.86
O3S EPE E . -12.49 -16.52 35.47
C1 GOL F . 13.68 -14.46 8.46
O1 GOL F . 13.40 -14.07 7.14
C2 GOL F . 14.40 -13.36 9.21
O2 GOL F . 13.47 -12.65 10.01
C3 GOL F . 15.46 -14.01 10.10
O3 GOL F . 15.35 -13.47 11.39
C1 GOL G . -13.92 7.95 -20.08
O1 GOL G . -12.59 7.95 -20.54
C2 GOL G . -14.10 7.19 -18.77
O2 GOL G . -12.95 7.33 -17.96
C3 GOL G . -15.32 7.77 -18.06
O3 GOL G . -15.20 7.64 -16.67
#